data_3NGJ
#
_entry.id   3NGJ
#
_cell.length_a   50.260
_cell.length_b   70.780
_cell.length_c   126.750
_cell.angle_alpha   90.00
_cell.angle_beta   92.46
_cell.angle_gamma   90.00
#
_symmetry.space_group_name_H-M   'P 1 21 1'
#
loop_
_entity.id
_entity.type
_entity.pdbx_description
1 polymer 'Deoxyribose-phosphate aldolase'
2 non-polymer 'SODIUM ION'
3 non-polymer 'ZINC ION'
4 non-polymer 1,2-ETHANEDIOL
5 water water
#
_entity_poly.entity_id   1
_entity_poly.type   'polypeptide(L)'
_entity_poly.pdbx_seq_one_letter_code
;MAHHHHHHMGTLEAQTQGPGSMDKATLAKYIDHTLLKADATEEQIRKLCSEAAEYKFASVCVNPTWVPLCAELLKGTGVK
VCTVIGFPLGATPSEVKAYETKVAVEQGAEEVDMVINIGMVKAKKYDDVEKDVKAVVDASGKALTKVIIECCYLTNEEKV
EVCKRCVAAGAEYVKTSTGFGTHGATPEDVKLMKDTVGDKALVKAAGGIRTFDDAMKMINNGASRIGASAGIAILNGIH
;
_entity_poly.pdbx_strand_id   A,B,C,D
#
# COMPACT_ATOMS: atom_id res chain seq x y z
N MET A 22 -13.96 24.91 1.34
CA MET A 22 -14.28 23.84 2.32
C MET A 22 -14.06 24.37 3.74
N ASP A 23 -15.12 24.39 4.55
CA ASP A 23 -14.97 24.75 5.96
C ASP A 23 -14.98 23.50 6.84
N LYS A 24 -14.65 23.67 8.12
CA LYS A 24 -14.46 22.54 9.01
C LYS A 24 -15.75 21.74 9.19
N ALA A 25 -16.88 22.43 9.35
CA ALA A 25 -18.16 21.74 9.65
C ALA A 25 -18.57 20.85 8.48
N THR A 26 -18.36 21.36 7.26
CA THR A 26 -18.71 20.60 6.06
C THR A 26 -17.76 19.43 5.86
N LEU A 27 -16.47 19.67 6.00
CA LEU A 27 -15.47 18.58 5.91
C LEU A 27 -15.72 17.49 6.96
N ALA A 28 -16.06 17.91 8.18
CA ALA A 28 -16.26 16.97 9.26
C ALA A 28 -17.36 15.98 8.88
N LYS A 29 -18.39 16.43 8.18
CA LYS A 29 -19.48 15.50 7.85
C LYS A 29 -19.14 14.51 6.74
N TYR A 30 -17.94 14.60 6.16
CA TYR A 30 -17.43 13.51 5.31
C TYR A 30 -16.79 12.38 6.13
N ILE A 31 -16.44 12.65 7.37
CA ILE A 31 -15.48 11.77 8.06
C ILE A 31 -16.16 10.71 8.93
N ASP A 32 -15.79 9.45 8.67
CA ASP A 32 -16.07 8.30 9.56
C ASP A 32 -14.83 8.08 10.46
N HIS A 33 -14.98 8.45 11.75
CA HIS A 33 -13.88 8.47 12.71
C HIS A 33 -13.68 7.01 13.16
N THR A 34 -12.54 6.43 12.81
CA THR A 34 -12.43 4.95 12.76
C THR A 34 -11.40 4.42 13.74
N LEU A 35 -11.75 3.34 14.45
CA LEU A 35 -10.78 2.58 15.21
C LEU A 35 -11.17 1.12 15.15
N LEU A 36 -10.33 0.33 14.48
CA LEU A 36 -10.62 -1.09 14.18
C LEU A 36 -9.53 -2.06 14.60
N LYS A 37 -8.49 -1.57 15.27
CA LYS A 37 -7.41 -2.42 15.74
C LYS A 37 -7.95 -3.53 16.65
N ALA A 38 -7.42 -4.75 16.53
CA ALA A 38 -7.87 -5.91 17.33
C ALA A 38 -7.71 -5.66 18.83
N ASP A 39 -6.70 -4.86 19.20
CA ASP A 39 -6.43 -4.58 20.58
C ASP A 39 -6.94 -3.23 21.08
N ALA A 40 -7.92 -2.66 20.37
CA ALA A 40 -8.57 -1.42 20.81
C ALA A 40 -9.23 -1.62 22.16
N THR A 41 -9.07 -0.63 23.04
CA THR A 41 -9.63 -0.70 24.37
C THR A 41 -10.93 0.09 24.50
N GLU A 42 -11.69 -0.21 25.56
CA GLU A 42 -12.88 0.54 25.89
C GLU A 42 -12.55 2.03 26.07
N GLU A 43 -11.42 2.34 26.72
CA GLU A 43 -11.04 3.72 26.93
C GLU A 43 -10.84 4.44 25.59
N GLN A 44 -10.16 3.79 24.65
CA GLN A 44 -10.00 4.32 23.28
C GLN A 44 -11.32 4.49 22.53
N ILE A 45 -12.24 3.53 22.67
CA ILE A 45 -13.54 3.65 22.01
C ILE A 45 -14.32 4.82 22.61
N ARG A 46 -14.27 4.99 23.94
CA ARG A 46 -14.95 6.12 24.58
C ARG A 46 -14.40 7.44 24.08
N LYS A 47 -13.08 7.51 23.89
CA LYS A 47 -12.45 8.76 23.39
C LYS A 47 -12.84 9.00 21.92
N LEU A 48 -12.88 7.95 21.15
CA LEU A 48 -13.32 8.03 19.75
C LEU A 48 -14.73 8.65 19.67
N CYS A 49 -15.63 8.19 20.52
CA CYS A 49 -17.01 8.72 20.54
C CYS A 49 -17.06 10.18 21.00
N SER A 50 -16.30 10.48 22.06
CA SER A 50 -16.18 11.83 22.56
C SER A 50 -15.70 12.78 21.49
N GLU A 51 -14.62 12.40 20.78
CA GLU A 51 -14.09 13.19 19.68
C GLU A 51 -15.11 13.38 18.57
N ALA A 52 -15.77 12.29 18.16
CA ALA A 52 -16.75 12.38 17.07
C ALA A 52 -17.87 13.36 17.38
N ALA A 53 -18.36 13.33 18.63
CA ALA A 53 -19.43 14.24 19.05
C ALA A 53 -18.96 15.67 19.12
N GLU A 54 -17.74 15.88 19.59
CA GLU A 54 -17.17 17.23 19.72
C GLU A 54 -16.93 17.87 18.36
N TYR A 55 -16.35 17.10 17.43
CA TYR A 55 -16.00 17.61 16.11
C TYR A 55 -17.12 17.44 15.08
N LYS A 56 -18.21 16.77 15.48
CA LYS A 56 -19.36 16.54 14.63
C LYS A 56 -19.01 15.80 13.34
N PHE A 57 -18.27 14.70 13.52
CA PHE A 57 -17.95 13.83 12.39
C PHE A 57 -19.24 13.12 11.98
N ALA A 58 -19.26 12.55 10.78
CA ALA A 58 -20.42 11.79 10.30
C ALA A 58 -20.75 10.59 11.17
N SER A 59 -19.73 9.81 11.54
CA SER A 59 -19.90 8.55 12.22
C SER A 59 -18.67 8.23 13.02
N VAL A 60 -18.80 7.20 13.86
CA VAL A 60 -17.67 6.42 14.30
C VAL A 60 -17.80 5.11 13.57
N CYS A 61 -16.66 4.51 13.27
CA CYS A 61 -16.62 3.19 12.67
CA CYS A 61 -16.60 3.19 12.66
C CYS A 61 -15.78 2.28 13.57
N VAL A 62 -16.42 1.24 14.09
CA VAL A 62 -15.83 0.38 15.12
C VAL A 62 -16.19 -1.06 14.82
N ASN A 63 -15.46 -2.02 15.38
CA ASN A 63 -15.81 -3.42 15.26
C ASN A 63 -17.12 -3.78 15.96
N PRO A 64 -17.79 -4.86 15.54
CA PRO A 64 -19.15 -5.09 16.06
C PRO A 64 -19.26 -5.21 17.56
N THR A 65 -18.20 -5.67 18.24
CA THR A 65 -18.26 -5.80 19.70
C THR A 65 -18.57 -4.48 20.38
N TRP A 66 -18.22 -3.35 19.74
CA TRP A 66 -18.37 -2.03 20.38
C TRP A 66 -19.65 -1.29 19.98
N VAL A 67 -20.52 -1.95 19.21
CA VAL A 67 -21.75 -1.26 18.76
C VAL A 67 -22.63 -0.80 19.93
N PRO A 68 -22.92 -1.68 20.90
CA PRO A 68 -23.81 -1.25 22.00
C PRO A 68 -23.30 -0.03 22.77
N LEU A 69 -22.02 0.00 23.06
CA LEU A 69 -21.44 1.11 23.80
C LEU A 69 -21.53 2.40 23.00
N CYS A 70 -21.19 2.34 21.71
CA CYS A 70 -21.18 3.55 20.88
C CYS A 70 -22.59 4.07 20.64
N ALA A 71 -23.54 3.15 20.49
CA ALA A 71 -24.97 3.53 20.31
C ALA A 71 -25.47 4.28 21.52
N GLU A 72 -25.09 3.82 22.70
CA GLU A 72 -25.49 4.49 23.92
C GLU A 72 -24.83 5.87 24.06
N LEU A 73 -23.51 5.94 23.83
CA LEU A 73 -22.74 7.17 23.96
C LEU A 73 -23.14 8.25 22.95
N LEU A 74 -23.53 7.84 21.74
CA LEU A 74 -23.78 8.79 20.68
C LEU A 74 -25.28 9.13 20.48
N LYS A 75 -26.17 8.55 21.29
CA LYS A 75 -27.60 8.84 21.16
C LYS A 75 -27.80 10.38 21.26
N GLY A 76 -28.50 10.94 20.29
CA GLY A 76 -28.83 12.37 20.28
C GLY A 76 -27.77 13.33 19.78
N THR A 77 -26.59 12.81 19.36
CA THR A 77 -25.44 13.65 18.99
C THR A 77 -25.37 13.98 17.50
N GLY A 78 -26.17 13.29 16.70
CA GLY A 78 -26.10 13.40 15.24
C GLY A 78 -24.98 12.57 14.60
N VAL A 79 -24.18 11.90 15.42
CA VAL A 79 -23.09 11.05 14.94
C VAL A 79 -23.62 9.61 14.83
N LYS A 80 -23.48 9.01 13.67
CA LYS A 80 -23.97 7.64 13.48
C LYS A 80 -22.98 6.59 13.94
N VAL A 81 -23.53 5.43 14.30
CA VAL A 81 -22.71 4.25 14.63
C VAL A 81 -22.57 3.37 13.38
N CYS A 82 -21.35 3.24 12.91
CA CYS A 82 -21.05 2.39 11.77
CA CYS A 82 -21.01 2.42 11.76
C CYS A 82 -20.16 1.23 12.23
N THR A 83 -20.42 0.04 11.70
CA THR A 83 -19.60 -1.10 12.06
C THR A 83 -19.20 -1.85 10.78
N VAL A 84 -18.38 -2.87 10.92
CA VAL A 84 -17.82 -3.61 9.80
C VAL A 84 -18.27 -5.09 9.92
N ILE A 85 -18.54 -5.71 8.77
CA ILE A 85 -19.15 -7.02 8.71
C ILE A 85 -18.27 -7.94 7.85
N GLY A 86 -18.07 -9.15 8.36
CA GLY A 86 -17.20 -10.13 7.68
C GLY A 86 -15.80 -9.57 7.46
N PHE A 87 -15.27 -8.86 8.46
CA PHE A 87 -14.17 -7.93 8.26
C PHE A 87 -12.97 -8.39 9.04
N PRO A 88 -11.76 -8.25 8.46
CA PRO A 88 -11.40 -7.66 7.17
C PRO A 88 -11.25 -8.61 5.97
N LEU A 89 -11.48 -9.92 6.16
CA LEU A 89 -11.15 -10.85 5.08
C LEU A 89 -12.28 -11.17 4.13
N GLY A 90 -13.54 -11.06 4.56
CA GLY A 90 -14.70 -11.31 3.68
C GLY A 90 -14.97 -12.78 3.35
N ALA A 91 -14.24 -13.68 4.00
CA ALA A 91 -14.13 -15.09 3.58
C ALA A 91 -14.96 -16.02 4.50
N THR A 92 -16.22 -15.65 4.71
CA THR A 92 -17.12 -16.42 5.59
C THR A 92 -18.47 -16.46 4.88
N PRO A 93 -19.29 -17.49 5.13
CA PRO A 93 -20.55 -17.63 4.42
C PRO A 93 -21.48 -16.40 4.53
N SER A 94 -22.27 -16.20 3.48
CA SER A 94 -23.24 -15.11 3.40
C SER A 94 -24.14 -15.09 4.62
N GLU A 95 -24.56 -16.26 5.09
CA GLU A 95 -25.47 -16.31 6.22
C GLU A 95 -24.80 -15.84 7.52
N VAL A 96 -23.49 -16.05 7.63
CA VAL A 96 -22.76 -15.55 8.80
C VAL A 96 -22.65 -14.02 8.73
N LYS A 97 -22.32 -13.47 7.57
CA LYS A 97 -22.30 -12.00 7.36
C LYS A 97 -23.65 -11.42 7.71
N ALA A 98 -24.71 -12.09 7.26
CA ALA A 98 -26.08 -11.67 7.51
C ALA A 98 -26.41 -11.68 9.01
N TYR A 99 -26.03 -12.74 9.72
CA TYR A 99 -26.29 -12.82 11.16
C TYR A 99 -25.56 -11.72 11.93
N GLU A 100 -24.29 -11.50 11.59
CA GLU A 100 -23.48 -10.46 12.22
C GLU A 100 -24.15 -9.11 12.01
N THR A 101 -24.71 -8.92 10.81
CA THR A 101 -25.39 -7.66 10.45
C THR A 101 -26.66 -7.48 11.27
N LYS A 102 -27.47 -8.55 11.33
CA LYS A 102 -28.70 -8.53 12.11
C LYS A 102 -28.41 -8.15 13.58
N VAL A 103 -27.41 -8.78 14.18
CA VAL A 103 -27.03 -8.49 15.56
C VAL A 103 -26.59 -7.04 15.73
N ALA A 104 -25.76 -6.55 14.82
CA ALA A 104 -25.26 -5.19 14.86
C ALA A 104 -26.39 -4.17 14.77
N VAL A 105 -27.30 -4.37 13.84
CA VAL A 105 -28.43 -3.43 13.71
C VAL A 105 -29.35 -3.48 14.94
N GLU A 106 -29.59 -4.68 15.46
CA GLU A 106 -30.37 -4.85 16.71
C GLU A 106 -29.71 -4.12 17.86
N GLN A 107 -28.38 -4.12 17.87
CA GLN A 107 -27.61 -3.47 18.94
C GLN A 107 -27.38 -1.97 18.76
N GLY A 108 -27.89 -1.42 17.65
CA GLY A 108 -27.84 0.01 17.42
C GLY A 108 -27.02 0.53 16.25
N ALA A 109 -26.45 -0.35 15.43
CA ALA A 109 -25.66 0.11 14.26
C ALA A 109 -26.61 0.78 13.26
N GLU A 110 -26.21 1.93 12.75
CA GLU A 110 -26.96 2.67 11.74
C GLU A 110 -26.39 2.52 10.31
N GLU A 111 -25.14 2.07 10.20
CA GLU A 111 -24.49 1.73 8.92
C GLU A 111 -23.66 0.49 9.15
N VAL A 112 -23.57 -0.37 8.13
CA VAL A 112 -22.75 -1.57 8.19
C VAL A 112 -21.88 -1.61 6.93
N ASP A 113 -20.59 -1.86 7.11
CA ASP A 113 -19.61 -1.93 5.99
C ASP A 113 -19.09 -3.36 5.87
N MET A 114 -19.56 -4.10 4.85
CA MET A 114 -19.23 -5.52 4.69
C MET A 114 -18.06 -5.68 3.74
N VAL A 115 -17.29 -6.75 3.88
CA VAL A 115 -16.23 -7.08 2.91
C VAL A 115 -16.75 -8.17 1.98
N ILE A 116 -16.51 -7.97 0.67
CA ILE A 116 -16.86 -8.97 -0.35
C ILE A 116 -16.09 -10.29 -0.16
N ASN A 117 -16.65 -11.34 -0.75
CA ASN A 117 -15.97 -12.64 -0.82
C ASN A 117 -15.06 -12.62 -2.06
N ILE A 118 -13.78 -12.37 -1.86
CA ILE A 118 -12.87 -12.15 -3.00
C ILE A 118 -12.70 -13.44 -3.82
N GLY A 119 -12.76 -14.61 -3.16
CA GLY A 119 -12.71 -15.88 -3.86
C GLY A 119 -13.76 -15.99 -4.98
N MET A 120 -14.97 -15.49 -4.70
CA MET A 120 -16.03 -15.47 -5.72
C MET A 120 -15.65 -14.59 -6.91
N VAL A 121 -15.05 -13.44 -6.63
CA VAL A 121 -14.58 -12.55 -7.69
C VAL A 121 -13.52 -13.24 -8.58
N LYS A 122 -12.53 -13.88 -7.95
CA LYS A 122 -11.46 -14.54 -8.69
C LYS A 122 -11.95 -15.75 -9.51
N ALA A 123 -13.04 -16.36 -9.06
CA ALA A 123 -13.75 -17.38 -9.82
C ALA A 123 -14.70 -16.82 -10.89
N LYS A 124 -14.82 -15.50 -10.99
CA LYS A 124 -15.77 -14.86 -11.92
C LYS A 124 -17.22 -15.27 -11.66
N LYS A 125 -17.53 -15.61 -10.41
CA LYS A 125 -18.88 -15.99 -10.01
C LYS A 125 -19.58 -14.72 -9.52
N TYR A 126 -19.88 -13.82 -10.44
CA TYR A 126 -20.38 -12.48 -10.07
C TYR A 126 -21.85 -12.47 -9.64
N ASP A 127 -22.64 -13.42 -10.14
CA ASP A 127 -23.98 -13.63 -9.57
C ASP A 127 -23.84 -14.00 -8.08
N ASP A 128 -22.85 -14.84 -7.74
CA ASP A 128 -22.61 -15.20 -6.35
C ASP A 128 -22.15 -14.02 -5.51
N VAL A 129 -21.29 -13.18 -6.09
CA VAL A 129 -20.87 -11.96 -5.38
C VAL A 129 -22.10 -11.09 -5.05
N GLU A 130 -22.97 -10.89 -6.03
CA GLU A 130 -24.18 -10.10 -5.81
C GLU A 130 -25.10 -10.72 -4.71
N LYS A 131 -25.26 -12.03 -4.69
CA LYS A 131 -26.12 -12.67 -3.69
C LYS A 131 -25.54 -12.48 -2.31
N ASP A 132 -24.20 -12.53 -2.23
CA ASP A 132 -23.50 -12.37 -0.96
C ASP A 132 -23.73 -10.97 -0.42
N VAL A 133 -23.63 -9.98 -1.28
CA VAL A 133 -23.98 -8.59 -0.90
C VAL A 133 -25.45 -8.47 -0.48
N LYS A 134 -26.32 -9.04 -1.31
CA LYS A 134 -27.77 -8.98 -1.09
C LYS A 134 -28.14 -9.59 0.27
N ALA A 135 -27.38 -10.61 0.70
CA ALA A 135 -27.67 -11.22 1.99
C ALA A 135 -27.50 -10.19 3.12
N VAL A 136 -26.45 -9.39 3.03
CA VAL A 136 -26.17 -8.34 4.01
C VAL A 136 -27.14 -7.15 3.87
N VAL A 137 -27.43 -6.75 2.62
CA VAL A 137 -28.43 -5.71 2.37
C VAL A 137 -29.79 -6.07 3.00
N ASP A 138 -30.22 -7.31 2.75
CA ASP A 138 -31.47 -7.79 3.35
C ASP A 138 -31.44 -7.68 4.88
N ALA A 139 -30.35 -8.15 5.49
CA ALA A 139 -30.21 -8.15 6.94
C ALA A 139 -30.07 -6.75 7.55
N SER A 140 -29.58 -5.79 6.75
CA SER A 140 -29.36 -4.42 7.26
C SER A 140 -30.64 -3.65 7.63
N GLY A 141 -31.77 -3.98 7.01
CA GLY A 141 -33.00 -3.31 7.31
C GLY A 141 -32.87 -1.83 7.04
N LYS A 142 -33.19 -1.02 8.05
CA LYS A 142 -33.14 0.45 7.93
C LYS A 142 -31.71 1.02 7.90
N ALA A 143 -30.72 0.21 8.31
CA ALA A 143 -29.33 0.65 8.30
C ALA A 143 -28.79 0.68 6.86
N LEU A 144 -27.91 1.64 6.60
CA LEU A 144 -27.24 1.78 5.31
C LEU A 144 -26.19 0.69 5.18
N THR A 145 -25.98 0.22 3.95
CA THR A 145 -24.96 -0.79 3.70
C THR A 145 -23.88 -0.18 2.80
N LYS A 146 -22.63 -0.35 3.20
CA LYS A 146 -21.48 -0.02 2.37
C LYS A 146 -20.78 -1.31 2.04
N VAL A 147 -20.26 -1.44 0.81
CA VAL A 147 -19.57 -2.68 0.48
C VAL A 147 -18.09 -2.38 0.19
N ILE A 148 -17.20 -2.96 1.00
CA ILE A 148 -15.77 -2.83 0.84
C ILE A 148 -15.32 -3.78 -0.24
N ILE A 149 -14.77 -3.26 -1.34
CA ILE A 149 -14.39 -4.11 -2.45
C ILE A 149 -12.89 -4.52 -2.40
N GLU A 150 -12.14 -3.85 -1.52
CA GLU A 150 -10.71 -4.11 -1.29
C GLU A 150 -9.89 -4.02 -2.59
N CYS A 151 -9.85 -2.80 -3.13
CA CYS A 151 -9.23 -2.50 -4.40
C CYS A 151 -7.82 -3.04 -4.55
N CYS A 152 -7.03 -3.04 -3.48
CA CYS A 152 -5.65 -3.46 -3.57
C CYS A 152 -5.47 -4.91 -4.08
N TYR A 153 -6.48 -5.76 -3.90
CA TYR A 153 -6.44 -7.13 -4.40
C TYR A 153 -7.24 -7.38 -5.66
N LEU A 154 -7.81 -6.32 -6.27
CA LEU A 154 -8.63 -6.47 -7.46
C LEU A 154 -7.97 -5.83 -8.68
N THR A 155 -8.26 -6.41 -9.84
CA THR A 155 -7.96 -5.73 -11.11
C THR A 155 -9.00 -4.66 -11.39
N ASN A 156 -8.70 -3.76 -12.32
CA ASN A 156 -9.69 -2.74 -12.68
C ASN A 156 -11.01 -3.33 -13.16
N GLU A 157 -10.94 -4.39 -13.98
CA GLU A 157 -12.16 -5.04 -14.48
C GLU A 157 -12.99 -5.58 -13.33
N GLU A 158 -12.30 -6.19 -12.37
CA GLU A 158 -12.98 -6.68 -11.15
C GLU A 158 -13.61 -5.56 -10.33
N LYS A 159 -12.90 -4.45 -10.14
CA LYS A 159 -13.48 -3.31 -9.38
C LYS A 159 -14.79 -2.84 -10.01
N VAL A 160 -14.79 -2.67 -11.33
CA VAL A 160 -15.97 -2.18 -12.06
C VAL A 160 -17.11 -3.14 -11.91
N GLU A 161 -16.88 -4.43 -12.17
CA GLU A 161 -18.00 -5.38 -12.10
C GLU A 161 -18.54 -5.55 -10.67
N VAL A 162 -17.66 -5.61 -9.68
CA VAL A 162 -18.11 -5.66 -8.27
C VAL A 162 -19.00 -4.47 -7.95
N CYS A 163 -18.58 -3.28 -8.36
CA CYS A 163 -19.37 -2.06 -8.11
C CYS A 163 -20.78 -2.15 -8.72
N LYS A 164 -20.86 -2.66 -9.95
CA LYS A 164 -22.15 -2.87 -10.61
C LYS A 164 -23.02 -3.84 -9.83
N ARG A 165 -22.44 -4.92 -9.31
CA ARG A 165 -23.18 -5.89 -8.50
C ARG A 165 -23.65 -5.33 -7.15
N CYS A 166 -22.87 -4.39 -6.58
CA CYS A 166 -23.27 -3.73 -5.34
C CYS A 166 -24.52 -2.86 -5.54
N VAL A 167 -24.56 -2.12 -6.64
CA VAL A 167 -25.75 -1.35 -6.99
C VAL A 167 -26.94 -2.29 -7.23
N ALA A 168 -26.73 -3.37 -7.99
CA ALA A 168 -27.81 -4.31 -8.31
C ALA A 168 -28.41 -4.92 -7.03
N ALA A 169 -27.56 -5.12 -6.01
CA ALA A 169 -27.97 -5.75 -4.76
C ALA A 169 -28.65 -4.78 -3.81
N GLY A 170 -28.56 -3.49 -4.11
CA GLY A 170 -29.22 -2.44 -3.33
C GLY A 170 -28.38 -1.79 -2.24
N ALA A 171 -27.05 -1.85 -2.38
CA ALA A 171 -26.16 -1.23 -1.39
C ALA A 171 -26.05 0.26 -1.66
N GLU A 172 -26.09 1.08 -0.60
CA GLU A 172 -26.01 2.53 -0.77
C GLU A 172 -24.62 3.03 -1.13
N TYR A 173 -23.61 2.31 -0.69
CA TYR A 173 -22.22 2.72 -0.83
C TYR A 173 -21.33 1.57 -1.33
N VAL A 174 -20.33 1.93 -2.13
CA VAL A 174 -19.18 1.10 -2.36
C VAL A 174 -17.98 1.80 -1.69
N LYS A 175 -17.05 1.01 -1.18
CA LYS A 175 -15.96 1.50 -0.32
C LYS A 175 -14.62 0.92 -0.80
N THR A 176 -13.57 1.73 -0.87
CA THR A 176 -12.32 1.28 -1.50
C THR A 176 -11.65 0.08 -0.80
N SER A 177 -11.63 0.07 0.54
CA SER A 177 -10.57 -0.65 1.25
C SER A 177 -10.93 -0.93 2.70
N THR A 178 -10.27 -1.91 3.29
CA THR A 178 -10.41 -2.21 4.71
C THR A 178 -9.44 -1.44 5.57
N GLY A 179 -8.32 -1.01 4.97
CA GLY A 179 -7.22 -0.45 5.74
C GLY A 179 -6.30 -1.49 6.32
N PHE A 180 -6.62 -2.77 6.11
CA PHE A 180 -5.80 -3.88 6.56
C PHE A 180 -5.07 -4.57 5.38
N GLY A 181 -5.37 -4.23 4.13
CA GLY A 181 -4.71 -4.88 2.96
C GLY A 181 -3.40 -4.22 2.68
N THR A 182 -2.83 -4.50 1.50
CA THR A 182 -1.52 -3.94 1.12
C THR A 182 -1.54 -2.42 0.93
N HIS A 183 -2.71 -1.89 0.56
CA HIS A 183 -2.89 -0.43 0.52
C HIS A 183 -4.38 -0.09 0.54
N GLY A 184 -4.64 1.19 0.75
CA GLY A 184 -5.99 1.73 0.90
C GLY A 184 -6.43 2.51 -0.32
N ALA A 185 -7.07 3.66 -0.05
CA ALA A 185 -7.71 4.45 -1.07
C ALA A 185 -6.67 5.05 -2.02
N THR A 186 -6.92 4.94 -3.33
CA THR A 186 -6.22 5.79 -4.33
C THR A 186 -7.26 6.68 -5.03
N PRO A 187 -6.86 7.89 -5.42
CA PRO A 187 -7.79 8.77 -6.12
C PRO A 187 -8.31 8.14 -7.42
N GLU A 188 -7.44 7.39 -8.08
CA GLU A 188 -7.78 6.72 -9.34
C GLU A 188 -8.85 5.65 -9.12
N ASP A 189 -8.73 4.91 -8.02
CA ASP A 189 -9.75 3.92 -7.65
C ASP A 189 -11.07 4.61 -7.34
N VAL A 190 -11.03 5.69 -6.57
CA VAL A 190 -12.25 6.43 -6.25
C VAL A 190 -12.97 6.88 -7.55
N LYS A 191 -12.22 7.49 -8.47
CA LYS A 191 -12.80 7.93 -9.74
C LYS A 191 -13.40 6.78 -10.56
N LEU A 192 -12.68 5.67 -10.62
CA LEU A 192 -13.19 4.51 -11.35
C LEU A 192 -14.49 4.00 -10.72
N MET A 193 -14.51 3.92 -9.39
CA MET A 193 -15.70 3.48 -8.69
C MET A 193 -16.84 4.46 -8.91
N LYS A 194 -16.57 5.76 -8.80
CA LYS A 194 -17.64 6.75 -8.98
C LYS A 194 -18.13 6.79 -10.41
N ASP A 195 -17.22 6.65 -11.39
CA ASP A 195 -17.64 6.60 -12.80
C ASP A 195 -18.57 5.41 -13.05
N THR A 196 -18.31 4.30 -12.37
CA THR A 196 -19.11 3.10 -12.53
C THR A 196 -20.50 3.22 -11.93
N VAL A 197 -20.59 3.69 -10.69
CA VAL A 197 -21.90 3.76 -10.02
C VAL A 197 -22.71 5.01 -10.34
N GLY A 198 -22.02 6.07 -10.78
CA GLY A 198 -22.67 7.37 -11.05
C GLY A 198 -23.41 7.86 -9.82
N ASP A 199 -24.66 8.30 -10.00
CA ASP A 199 -25.47 8.77 -8.87
CA ASP A 199 -25.50 8.77 -8.89
C ASP A 199 -26.32 7.64 -8.27
N LYS A 200 -26.13 6.40 -8.74
CA LYS A 200 -26.88 5.23 -8.21
C LYS A 200 -26.38 4.74 -6.84
N ALA A 201 -25.15 5.09 -6.51
CA ALA A 201 -24.59 4.83 -5.20
C ALA A 201 -23.51 5.88 -4.90
N LEU A 202 -23.04 5.86 -3.66
CA LEU A 202 -22.02 6.79 -3.19
C LEU A 202 -20.75 6.00 -2.95
N VAL A 203 -19.62 6.71 -2.97
CA VAL A 203 -18.30 6.10 -2.78
C VAL A 203 -17.65 6.56 -1.49
N LYS A 204 -17.15 5.61 -0.70
CA LYS A 204 -16.38 5.91 0.53
C LYS A 204 -14.90 5.54 0.29
N ALA A 205 -14.00 6.50 0.50
CA ALA A 205 -12.58 6.25 0.43
C ALA A 205 -12.05 6.01 1.83
N ALA A 206 -11.26 4.96 1.99
CA ALA A 206 -10.71 4.60 3.32
C ALA A 206 -9.37 3.98 3.23
N GLY A 207 -8.60 4.14 4.31
CA GLY A 207 -7.29 3.54 4.43
C GLY A 207 -6.21 4.48 3.90
N GLY A 208 -5.28 4.83 4.79
CA GLY A 208 -4.10 5.65 4.42
C GLY A 208 -4.35 7.14 4.21
N ILE A 209 -5.56 7.60 4.56
CA ILE A 209 -5.93 9.00 4.41
C ILE A 209 -5.52 9.77 5.69
N ARG A 210 -4.40 10.51 5.58
CA ARG A 210 -3.77 11.07 6.76
C ARG A 210 -3.81 12.59 6.86
N THR A 211 -4.00 13.24 5.72
CA THR A 211 -3.94 14.70 5.64
C THR A 211 -5.16 15.28 4.95
N PHE A 212 -5.32 16.58 5.08
CA PHE A 212 -6.33 17.29 4.35
C PHE A 212 -6.19 17.10 2.84
N ASP A 213 -4.97 17.23 2.33
CA ASP A 213 -4.72 17.06 0.90
C ASP A 213 -5.10 15.63 0.46
N ASP A 214 -4.81 14.62 1.26
CA ASP A 214 -5.26 13.23 0.95
C ASP A 214 -6.78 13.16 0.84
N ALA A 215 -7.46 13.70 1.85
CA ALA A 215 -8.94 13.69 1.89
C ALA A 215 -9.53 14.37 0.64
N MET A 216 -9.02 15.55 0.30
CA MET A 216 -9.51 16.30 -0.85
C MET A 216 -9.25 15.62 -2.18
N LYS A 217 -8.13 14.92 -2.33
CA LYS A 217 -7.91 14.12 -3.56
C LYS A 217 -9.04 13.08 -3.70
N MET A 218 -9.48 12.52 -2.57
CA MET A 218 -10.54 11.53 -2.63
C MET A 218 -11.89 12.23 -2.93
N ILE A 219 -12.18 13.30 -2.21
CA ILE A 219 -13.47 13.99 -2.37
C ILE A 219 -13.61 14.50 -3.80
N ASN A 220 -12.55 15.12 -4.31
CA ASN A 220 -12.59 15.70 -5.67
C ASN A 220 -12.74 14.65 -6.78
N ASN A 221 -12.39 13.39 -6.47
CA ASN A 221 -12.54 12.28 -7.42
C ASN A 221 -13.85 11.49 -7.25
N GLY A 222 -14.70 11.94 -6.31
CA GLY A 222 -16.04 11.38 -6.21
C GLY A 222 -16.43 10.79 -4.87
N ALA A 223 -15.54 10.84 -3.88
CA ALA A 223 -15.89 10.30 -2.57
C ALA A 223 -16.88 11.17 -1.79
N SER A 224 -17.94 10.54 -1.25
CA SER A 224 -18.91 11.21 -0.36
C SER A 224 -18.60 10.99 1.12
N ARG A 225 -17.65 10.09 1.40
CA ARG A 225 -17.31 9.77 2.78
C ARG A 225 -15.85 9.37 2.78
N ILE A 226 -15.17 9.68 3.88
CA ILE A 226 -13.77 9.39 4.13
C ILE A 226 -13.65 8.57 5.42
N GLY A 227 -13.03 7.39 5.36
CA GLY A 227 -12.70 6.66 6.56
C GLY A 227 -11.27 6.97 6.98
N ALA A 228 -11.09 7.41 8.22
CA ALA A 228 -9.77 7.79 8.73
C ALA A 228 -9.72 7.73 10.24
N SER A 229 -8.50 7.70 10.77
CA SER A 229 -8.26 7.91 12.21
C SER A 229 -7.78 9.34 12.49
N ALA A 230 -7.22 10.00 11.47
CA ALA A 230 -6.61 11.32 11.56
C ALA A 230 -7.56 12.50 11.30
N GLY A 231 -8.85 12.30 11.56
CA GLY A 231 -9.88 13.32 11.34
C GLY A 231 -9.59 14.69 11.92
N ILE A 232 -9.08 14.72 13.16
CA ILE A 232 -8.81 15.99 13.79
C ILE A 232 -7.72 16.74 13.01
N ALA A 233 -6.64 16.05 12.68
CA ALA A 233 -5.53 16.62 11.88
C ALA A 233 -5.97 17.06 10.48
N ILE A 234 -6.85 16.26 9.88
CA ILE A 234 -7.47 16.60 8.60
C ILE A 234 -8.25 17.93 8.69
N LEU A 235 -9.11 18.09 9.69
CA LEU A 235 -9.84 19.38 9.87
C LEU A 235 -8.92 20.56 10.07
N ASN A 236 -7.85 20.35 10.81
CA ASN A 236 -6.95 21.42 11.16
C ASN A 236 -5.94 21.72 10.06
N GLY A 237 -5.92 20.90 9.01
CA GLY A 237 -4.99 21.07 7.90
C GLY A 237 -5.55 21.77 6.69
N ILE A 238 -6.77 22.31 6.77
CA ILE A 238 -7.39 22.97 5.63
C ILE A 238 -6.53 24.12 5.11
N HIS A 239 -6.34 24.16 3.80
CA HIS A 239 -5.58 25.24 3.15
C HIS A 239 -5.87 25.29 1.65
N MET B 22 -15.66 31.52 -25.89
CA MET B 22 -14.73 30.36 -25.89
C MET B 22 -15.42 29.12 -26.44
N ASP B 23 -14.80 28.51 -27.44
CA ASP B 23 -15.33 27.30 -28.04
C ASP B 23 -14.36 26.12 -27.85
N LYS B 24 -14.77 24.97 -28.37
CA LYS B 24 -14.09 23.72 -28.16
C LYS B 24 -12.70 23.71 -28.78
N ALA B 25 -12.56 24.17 -30.02
CA ALA B 25 -11.26 24.16 -30.70
C ALA B 25 -10.24 25.08 -29.99
N THR B 26 -10.73 26.23 -29.53
CA THR B 26 -9.86 27.19 -28.85
C THR B 26 -9.44 26.64 -27.49
N LEU B 27 -10.36 26.03 -26.74
CA LEU B 27 -10.02 25.48 -25.44
C LEU B 27 -9.06 24.31 -25.60
N ALA B 28 -9.28 23.50 -26.63
CA ALA B 28 -8.44 22.34 -26.86
C ALA B 28 -6.98 22.73 -26.99
N LYS B 29 -6.73 23.90 -27.59
CA LYS B 29 -5.34 24.33 -27.77
C LYS B 29 -4.68 24.93 -26.53
N TYR B 30 -5.43 25.02 -25.43
CA TYR B 30 -4.83 25.25 -24.13
C TYR B 30 -4.27 23.99 -23.49
N ILE B 31 -4.69 22.81 -23.96
CA ILE B 31 -4.53 21.57 -23.17
C ILE B 31 -3.34 20.74 -23.60
N ASP B 32 -2.49 20.43 -22.62
CA ASP B 32 -1.46 19.42 -22.76
C ASP B 32 -2.05 18.11 -22.22
N HIS B 33 -2.33 17.15 -23.11
CA HIS B 33 -3.01 15.89 -22.79
C HIS B 33 -1.99 14.91 -22.24
N THR B 34 -2.11 14.62 -20.94
CA THR B 34 -0.99 14.12 -20.16
C THR B 34 -1.19 12.67 -19.64
N LEU B 35 -0.16 11.84 -19.76
CA LEU B 35 -0.12 10.55 -19.07
C LEU B 35 1.31 10.31 -18.58
N LEU B 36 1.50 10.33 -17.27
CA LEU B 36 2.85 10.24 -16.70
C LEU B 36 3.03 9.12 -15.67
N LYS B 37 2.04 8.25 -15.55
CA LYS B 37 2.14 7.16 -14.56
C LYS B 37 3.29 6.24 -14.91
N ALA B 38 4.00 5.78 -13.88
CA ALA B 38 5.16 4.93 -14.04
C ALA B 38 4.87 3.66 -14.80
N ASP B 39 3.63 3.18 -14.71
CA ASP B 39 3.25 1.89 -15.32
C ASP B 39 2.40 2.07 -16.59
N ALA B 40 2.49 3.26 -17.19
CA ALA B 40 1.79 3.52 -18.44
C ALA B 40 2.29 2.56 -19.51
N THR B 41 1.36 2.10 -20.33
CA THR B 41 1.65 1.10 -21.33
C THR B 41 1.68 1.69 -22.73
N GLU B 42 2.32 0.97 -23.64
CA GLU B 42 2.35 1.34 -25.06
C GLU B 42 0.93 1.58 -25.58
N GLU B 43 0.00 0.70 -25.23
CA GLU B 43 -1.40 0.83 -25.68
C GLU B 43 -2.03 2.15 -25.20
N GLN B 44 -1.80 2.49 -23.93
CA GLN B 44 -2.31 3.72 -23.36
C GLN B 44 -1.70 4.97 -24.01
N ILE B 45 -0.40 4.93 -24.31
CA ILE B 45 0.30 6.04 -24.96
C ILE B 45 -0.21 6.21 -26.42
N ARG B 46 -0.46 5.10 -27.12
CA ARG B 46 -1.05 5.18 -28.44
C ARG B 46 -2.45 5.81 -28.41
N LYS B 47 -3.25 5.47 -27.40
CA LYS B 47 -4.58 6.01 -27.22
C LYS B 47 -4.50 7.49 -26.92
N LEU B 48 -3.55 7.88 -26.05
CA LEU B 48 -3.31 9.29 -25.72
C LEU B 48 -3.05 10.11 -26.99
N CYS B 49 -2.16 9.60 -27.84
CA CYS B 49 -1.85 10.27 -29.11
C CYS B 49 -3.05 10.33 -30.07
N SER B 50 -3.77 9.20 -30.19
CA SER B 50 -4.99 9.14 -31.00
C SER B 50 -6.00 10.20 -30.55
N GLU B 51 -6.22 10.28 -29.24
CA GLU B 51 -7.12 11.27 -28.67
C GLU B 51 -6.66 12.69 -28.94
N ALA B 52 -5.37 12.95 -28.76
CA ALA B 52 -4.87 14.32 -28.93
C ALA B 52 -5.03 14.79 -30.37
N ALA B 53 -4.75 13.90 -31.32
CA ALA B 53 -4.92 14.20 -32.74
C ALA B 53 -6.40 14.40 -33.08
N GLU B 54 -7.29 13.61 -32.50
CA GLU B 54 -8.75 13.69 -32.75
CA GLU B 54 -8.72 13.71 -32.79
C GLU B 54 -9.33 15.00 -32.21
N TYR B 55 -9.02 15.31 -30.95
CA TYR B 55 -9.55 16.52 -30.30
C TYR B 55 -8.71 17.79 -30.55
N LYS B 56 -7.55 17.61 -31.19
CA LYS B 56 -6.67 18.74 -31.54
C LYS B 56 -6.22 19.51 -30.30
N PHE B 57 -5.75 18.78 -29.31
CA PHE B 57 -5.12 19.36 -28.12
C PHE B 57 -3.80 20.05 -28.52
N ALA B 58 -3.26 20.92 -27.66
CA ALA B 58 -1.93 21.55 -27.94
C ALA B 58 -0.81 20.54 -28.06
N SER B 59 -0.80 19.57 -27.13
CA SER B 59 0.32 18.63 -27.00
C SER B 59 -0.15 17.33 -26.39
N VAL B 60 0.71 16.32 -26.47
CA VAL B 60 0.72 15.30 -25.43
C VAL B 60 1.93 15.53 -24.53
N CYS B 61 1.75 15.20 -23.25
CA CYS B 61 2.84 15.25 -22.30
CA CYS B 61 2.84 15.25 -22.28
C CYS B 61 3.05 13.85 -21.72
N VAL B 62 4.24 13.30 -21.97
CA VAL B 62 4.59 11.94 -21.62
C VAL B 62 5.99 11.91 -21.03
N ASN B 63 6.35 10.80 -20.39
CA ASN B 63 7.73 10.64 -19.87
C ASN B 63 8.73 10.45 -21.01
N PRO B 64 10.02 10.77 -20.79
CA PRO B 64 11.00 10.80 -21.91
C PRO B 64 11.10 9.50 -22.71
N THR B 65 10.85 8.35 -22.07
CA THR B 65 10.94 7.06 -22.78
C THR B 65 9.96 6.95 -23.97
N TRP B 66 8.83 7.67 -23.91
CA TRP B 66 7.80 7.61 -24.95
C TRP B 66 7.89 8.68 -26.02
N VAL B 67 8.92 9.54 -25.95
CA VAL B 67 9.08 10.64 -26.91
C VAL B 67 9.18 10.14 -28.38
N PRO B 68 10.05 9.15 -28.67
CA PRO B 68 10.14 8.70 -30.07
C PRO B 68 8.81 8.19 -30.65
N LEU B 69 8.09 7.37 -29.90
CA LEU B 69 6.80 6.86 -30.38
C LEU B 69 5.80 7.98 -30.63
N CYS B 70 5.67 8.89 -29.66
CA CYS B 70 4.72 9.99 -29.82
C CYS B 70 5.13 10.88 -31.01
N ALA B 71 6.44 11.09 -31.19
CA ALA B 71 6.90 11.92 -32.28
C ALA B 71 6.45 11.30 -33.60
N GLU B 72 6.61 10.00 -33.71
CA GLU B 72 6.24 9.29 -34.94
C GLU B 72 4.73 9.40 -35.15
N LEU B 73 3.97 9.14 -34.10
CA LEU B 73 2.51 9.05 -34.22
C LEU B 73 1.86 10.40 -34.52
N LEU B 74 2.45 11.48 -34.01
CA LEU B 74 1.85 12.81 -34.13
C LEU B 74 2.36 13.66 -35.29
N LYS B 75 3.25 13.10 -36.12
CA LYS B 75 3.70 13.75 -37.35
C LYS B 75 2.49 14.29 -38.16
N GLY B 76 2.52 15.59 -38.45
CA GLY B 76 1.53 16.23 -39.32
C GLY B 76 0.16 16.46 -38.72
N THR B 77 0.03 16.26 -37.41
CA THR B 77 -1.26 16.37 -36.74
C THR B 77 -1.45 17.76 -36.14
N GLY B 78 -0.36 18.51 -35.97
CA GLY B 78 -0.40 19.80 -35.30
C GLY B 78 -0.31 19.68 -33.78
N VAL B 79 -0.24 18.46 -33.26
CA VAL B 79 -0.05 18.25 -31.82
C VAL B 79 1.43 18.09 -31.53
N LYS B 80 1.93 18.85 -30.55
CA LYS B 80 3.33 18.84 -30.14
C LYS B 80 3.60 17.71 -29.20
N VAL B 81 4.85 17.22 -29.19
CA VAL B 81 5.30 16.29 -28.17
C VAL B 81 6.00 17.07 -27.05
N CYS B 82 5.42 16.99 -25.86
CA CYS B 82 6.01 17.56 -24.66
C CYS B 82 6.47 16.44 -23.74
N THR B 83 7.58 16.65 -23.05
CA THR B 83 8.05 15.68 -22.09
C THR B 83 8.55 16.37 -20.82
N VAL B 84 8.84 15.59 -19.79
CA VAL B 84 9.17 16.11 -18.48
C VAL B 84 10.62 15.72 -18.17
N ILE B 85 11.30 16.60 -17.42
CA ILE B 85 12.75 16.52 -17.19
C ILE B 85 13.06 16.61 -15.70
N GLY B 86 13.90 15.67 -15.21
CA GLY B 86 14.21 15.62 -13.77
C GLY B 86 12.94 15.46 -12.93
N PHE B 87 12.00 14.66 -13.42
CA PHE B 87 10.61 14.69 -12.97
C PHE B 87 10.24 13.39 -12.25
N PRO B 88 9.47 13.47 -11.14
CA PRO B 88 8.84 14.64 -10.57
C PRO B 88 9.61 15.32 -9.42
N LEU B 89 10.78 14.81 -9.04
CA LEU B 89 11.42 15.28 -7.79
C LEU B 89 12.38 16.46 -7.99
N GLY B 90 12.92 16.66 -9.19
CA GLY B 90 13.89 17.75 -9.44
C GLY B 90 15.24 17.70 -8.74
N ALA B 91 15.58 16.52 -8.17
CA ALA B 91 16.69 16.40 -7.24
C ALA B 91 17.88 15.64 -7.81
N THR B 92 18.28 16.03 -9.01
CA THR B 92 19.39 15.45 -9.72
C THR B 92 20.21 16.60 -10.32
N PRO B 93 21.52 16.39 -10.51
CA PRO B 93 22.35 17.53 -10.94
C PRO B 93 21.95 18.18 -12.26
N SER B 94 22.28 19.46 -12.43
CA SER B 94 21.89 20.19 -13.62
C SER B 94 22.37 19.55 -14.90
N GLU B 95 23.59 18.99 -14.90
CA GLU B 95 24.13 18.33 -16.09
C GLU B 95 23.32 17.10 -16.52
N VAL B 96 22.70 16.41 -15.56
CA VAL B 96 21.82 15.29 -15.85
C VAL B 96 20.50 15.79 -16.45
N LYS B 97 19.91 16.83 -15.88
CA LYS B 97 18.68 17.42 -16.45
C LYS B 97 18.96 17.87 -17.90
N ALA B 98 20.14 18.48 -18.10
CA ALA B 98 20.53 18.97 -19.42
C ALA B 98 20.69 17.81 -20.41
N TYR B 99 21.30 16.71 -19.98
CA TYR B 99 21.49 15.55 -20.86
C TYR B 99 20.16 14.90 -21.23
N GLU B 100 19.28 14.73 -20.24
CA GLU B 100 17.93 14.18 -20.48
C GLU B 100 17.18 15.05 -21.50
N THR B 101 17.35 16.36 -21.37
CA THR B 101 16.77 17.34 -22.29
C THR B 101 17.33 17.18 -23.71
N LYS B 102 18.66 17.10 -23.83
CA LYS B 102 19.32 16.92 -25.14
C LYS B 102 18.81 15.67 -25.85
N VAL B 103 18.72 14.57 -25.11
CA VAL B 103 18.21 13.31 -25.69
C VAL B 103 16.76 13.43 -26.13
N ALA B 104 15.93 14.00 -25.26
CA ALA B 104 14.51 14.16 -25.55
C ALA B 104 14.32 14.96 -26.85
N VAL B 105 15.02 16.08 -26.99
CA VAL B 105 14.88 16.94 -28.17
C VAL B 105 15.39 16.23 -29.43
N GLU B 106 16.51 15.53 -29.33
CA GLU B 106 17.02 14.70 -30.42
C GLU B 106 16.02 13.63 -30.83
N GLN B 107 15.27 13.11 -29.85
CA GLN B 107 14.27 12.05 -30.10
C GLN B 107 12.92 12.58 -30.59
N GLY B 108 12.75 13.91 -30.58
CA GLY B 108 11.60 14.58 -31.19
C GLY B 108 10.71 15.41 -30.27
N ALA B 109 11.15 15.60 -29.02
CA ALA B 109 10.41 16.48 -28.09
C ALA B 109 10.41 17.94 -28.62
N GLU B 110 9.25 18.58 -28.57
CA GLU B 110 9.16 19.98 -28.98
C GLU B 110 9.02 20.94 -27.80
N GLU B 111 8.73 20.38 -26.63
CA GLU B 111 8.63 21.16 -25.40
C GLU B 111 9.15 20.26 -24.29
N VAL B 112 9.84 20.86 -23.33
CA VAL B 112 10.31 20.14 -22.15
C VAL B 112 9.90 20.88 -20.87
N ASP B 113 9.39 20.12 -19.91
CA ASP B 113 8.89 20.67 -18.63
C ASP B 113 9.78 20.13 -17.52
N MET B 114 10.67 20.96 -17.01
CA MET B 114 11.64 20.51 -16.02
C MET B 114 11.09 20.77 -14.60
N VAL B 115 11.58 20.05 -13.60
CA VAL B 115 11.28 20.36 -12.19
C VAL B 115 12.50 21.02 -11.57
N ILE B 116 12.25 22.11 -10.84
CA ILE B 116 13.31 22.77 -10.08
C ILE B 116 13.95 21.92 -8.97
N ASN B 117 15.15 22.33 -8.58
CA ASN B 117 15.84 21.77 -7.43
C ASN B 117 15.38 22.48 -6.17
N ILE B 118 14.41 21.89 -5.50
CA ILE B 118 13.79 22.53 -4.31
C ILE B 118 14.77 22.69 -3.14
N GLY B 119 15.71 21.77 -2.97
CA GLY B 119 16.75 21.94 -1.96
C GLY B 119 17.57 23.22 -2.13
N MET B 120 17.81 23.60 -3.37
CA MET B 120 18.47 24.87 -3.64
C MET B 120 17.63 26.04 -3.19
N VAL B 121 16.32 25.99 -3.47
CA VAL B 121 15.41 27.04 -3.05
C VAL B 121 15.41 27.19 -1.54
N LYS B 122 15.31 26.07 -0.83
CA LYS B 122 15.28 26.10 0.61
C LYS B 122 16.59 26.61 1.27
N ALA B 123 17.73 26.45 0.59
CA ALA B 123 19.00 27.00 0.97
C ALA B 123 19.21 28.44 0.48
N LYS B 124 18.18 29.02 -0.16
CA LYS B 124 18.25 30.35 -0.76
C LYS B 124 19.42 30.49 -1.75
N LYS B 125 19.73 29.40 -2.43
CA LYS B 125 20.77 29.38 -3.47
C LYS B 125 20.11 29.65 -4.81
N TYR B 126 19.61 30.87 -4.97
CA TYR B 126 18.80 31.20 -6.12
C TYR B 126 19.60 31.41 -7.42
N ASP B 127 20.87 31.76 -7.31
CA ASP B 127 21.76 31.76 -8.50
C ASP B 127 21.99 30.33 -8.99
N ASP B 128 22.05 29.39 -8.06
CA ASP B 128 22.12 27.98 -8.43
C ASP B 128 20.80 27.48 -9.03
N VAL B 129 19.66 27.88 -8.46
CA VAL B 129 18.35 27.58 -9.07
C VAL B 129 18.34 28.10 -10.53
N GLU B 130 18.78 29.34 -10.71
CA GLU B 130 18.79 29.96 -12.03
C GLU B 130 19.72 29.21 -13.00
N LYS B 131 20.91 28.82 -12.52
CA LYS B 131 21.87 28.05 -13.35
C LYS B 131 21.27 26.70 -13.76
N ASP B 132 20.52 26.09 -12.83
CA ASP B 132 19.89 24.78 -13.09
C ASP B 132 18.87 24.92 -14.24
N VAL B 133 18.03 25.96 -14.17
CA VAL B 133 17.08 26.24 -15.26
C VAL B 133 17.81 26.55 -16.56
N LYS B 134 18.84 27.41 -16.50
CA LYS B 134 19.60 27.78 -17.70
C LYS B 134 20.25 26.56 -18.37
N ALA B 135 20.66 25.57 -17.59
CA ALA B 135 21.26 24.34 -18.19
C ALA B 135 20.25 23.64 -19.11
N VAL B 136 18.99 23.57 -18.68
CA VAL B 136 17.94 22.97 -19.49
C VAL B 136 17.55 23.87 -20.67
N VAL B 137 17.43 25.17 -20.41
CA VAL B 137 17.16 26.13 -21.48
C VAL B 137 18.20 26.02 -22.61
N ASP B 138 19.49 26.01 -22.27
CA ASP B 138 20.54 25.88 -23.27
C ASP B 138 20.43 24.55 -24.00
N ALA B 139 20.14 23.50 -23.26
CA ALA B 139 20.00 22.17 -23.84
C ALA B 139 18.75 21.99 -24.70
N SER B 140 17.71 22.79 -24.47
CA SER B 140 16.42 22.62 -25.19
C SER B 140 16.51 22.97 -26.69
N GLY B 141 17.47 23.81 -27.05
CA GLY B 141 17.58 24.30 -28.42
C GLY B 141 16.26 24.90 -28.86
N LYS B 142 15.74 24.37 -29.97
CA LYS B 142 14.52 24.89 -30.57
C LYS B 142 13.28 24.56 -29.77
N ALA B 143 13.36 23.59 -28.87
CA ALA B 143 12.20 23.21 -28.04
C ALA B 143 11.95 24.26 -26.98
N LEU B 144 10.69 24.49 -26.65
CA LEU B 144 10.32 25.42 -25.61
C LEU B 144 10.58 24.80 -24.24
N THR B 145 10.95 25.62 -23.26
CA THR B 145 11.18 25.17 -21.91
C THR B 145 10.10 25.69 -20.94
N LYS B 146 9.50 24.76 -20.17
CA LYS B 146 8.65 25.11 -19.04
C LYS B 146 9.33 24.69 -17.72
N VAL B 147 9.14 25.47 -16.66
CA VAL B 147 9.75 25.16 -15.38
C VAL B 147 8.69 24.96 -14.31
N ILE B 148 8.56 23.71 -13.86
CA ILE B 148 7.66 23.33 -12.80
C ILE B 148 8.28 23.76 -11.49
N ILE B 149 7.61 24.70 -10.80
CA ILE B 149 8.10 25.22 -9.55
C ILE B 149 7.57 24.43 -8.33
N GLU B 150 6.58 23.56 -8.54
CA GLU B 150 5.98 22.71 -7.47
C GLU B 150 5.53 23.54 -6.27
N CYS B 151 4.53 24.37 -6.52
CA CYS B 151 4.04 25.31 -5.55
C CYS B 151 3.69 24.73 -4.19
N CYS B 152 3.20 23.49 -4.18
CA CYS B 152 2.77 22.90 -2.92
C CYS B 152 3.87 22.84 -1.88
N TYR B 153 5.15 22.82 -2.31
CA TYR B 153 6.28 22.78 -1.37
C TYR B 153 6.98 24.13 -1.13
N LEU B 154 6.47 25.21 -1.74
CA LEU B 154 7.10 26.53 -1.66
C LEU B 154 6.26 27.51 -0.85
N THR B 155 6.95 28.45 -0.21
CA THR B 155 6.29 29.61 0.35
C THR B 155 6.00 30.60 -0.77
N ASN B 156 5.15 31.59 -0.49
CA ASN B 156 4.84 32.58 -1.52
C ASN B 156 6.07 33.35 -1.96
N GLU B 157 6.94 33.69 -1.01
CA GLU B 157 8.17 34.40 -1.33
C GLU B 157 9.06 33.61 -2.27
N GLU B 158 9.10 32.30 -2.02
CA GLU B 158 9.88 31.37 -2.86
C GLU B 158 9.30 31.26 -4.27
N LYS B 159 7.97 31.16 -4.37
CA LYS B 159 7.33 31.13 -5.71
C LYS B 159 7.72 32.35 -6.53
N VAL B 160 7.66 33.52 -5.91
CA VAL B 160 7.97 34.78 -6.58
C VAL B 160 9.42 34.77 -7.04
N GLU B 161 10.34 34.46 -6.13
CA GLU B 161 11.75 34.48 -6.46
C GLU B 161 12.08 33.48 -7.57
N VAL B 162 11.56 32.27 -7.46
CA VAL B 162 11.80 31.25 -8.48
C VAL B 162 11.28 31.71 -9.83
N CYS B 163 10.08 32.28 -9.88
CA CYS B 163 9.57 32.77 -11.17
C CYS B 163 10.50 33.83 -11.80
N LYS B 164 11.03 34.75 -10.97
CA LYS B 164 11.98 35.74 -11.46
C LYS B 164 13.22 35.08 -12.09
N ARG B 165 13.73 34.02 -11.44
CA ARG B 165 14.91 33.32 -11.92
C ARG B 165 14.64 32.57 -13.20
N CYS B 166 13.42 32.04 -13.34
CA CYS B 166 13.04 31.36 -14.59
C CYS B 166 13.07 32.35 -15.76
N VAL B 167 12.57 33.57 -15.54
CA VAL B 167 12.60 34.61 -16.57
C VAL B 167 14.05 34.95 -16.85
N ALA B 168 14.85 35.12 -15.80
CA ALA B 168 16.27 35.47 -15.98
C ALA B 168 17.02 34.43 -16.82
N ALA B 169 16.67 33.15 -16.63
CA ALA B 169 17.34 32.03 -17.31
C ALA B 169 16.81 31.79 -18.73
N GLY B 170 15.72 32.44 -19.08
CA GLY B 170 15.20 32.39 -20.45
C GLY B 170 14.11 31.35 -20.73
N ALA B 171 13.49 30.81 -19.69
CA ALA B 171 12.39 29.84 -19.88
C ALA B 171 11.12 30.56 -20.40
N GLU B 172 10.44 29.91 -21.35
CA GLU B 172 9.24 30.46 -21.95
C GLU B 172 8.05 30.37 -20.99
N TYR B 173 8.02 29.30 -20.19
CA TYR B 173 6.94 29.05 -19.22
C TYR B 173 7.39 28.78 -17.78
N VAL B 174 6.55 29.18 -16.85
CA VAL B 174 6.60 28.66 -15.46
C VAL B 174 5.34 27.85 -15.26
N LYS B 175 5.42 26.78 -14.47
CA LYS B 175 4.34 25.79 -14.35
C LYS B 175 4.10 25.51 -12.87
N THR B 176 2.83 25.38 -12.48
CA THR B 176 2.48 25.30 -11.04
C THR B 176 3.02 24.05 -10.31
N SER B 177 2.89 22.90 -10.94
CA SER B 177 2.88 21.62 -10.22
C SER B 177 3.24 20.44 -11.11
N THR B 178 3.72 19.38 -10.48
CA THR B 178 3.95 18.11 -11.16
C THR B 178 2.71 17.23 -11.28
N GLY B 179 1.78 17.38 -10.33
CA GLY B 179 0.64 16.49 -10.19
C GLY B 179 0.93 15.25 -9.36
N PHE B 180 2.20 15.11 -8.95
CA PHE B 180 2.66 14.06 -8.05
C PHE B 180 2.87 14.53 -6.62
N GLY B 181 2.79 15.83 -6.38
CA GLY B 181 3.01 16.39 -5.04
C GLY B 181 1.75 16.34 -4.18
N THR B 182 1.77 17.03 -3.04
CA THR B 182 0.67 16.98 -2.09
C THR B 182 -0.58 17.69 -2.66
N HIS B 183 -0.40 18.76 -3.43
CA HIS B 183 -1.53 19.39 -4.13
C HIS B 183 -1.02 20.07 -5.40
N GLY B 184 -1.97 20.36 -6.29
CA GLY B 184 -1.66 20.88 -7.63
C GLY B 184 -1.93 22.37 -7.81
N ALA B 185 -2.47 22.73 -8.97
CA ALA B 185 -2.73 24.12 -9.30
C ALA B 185 -3.75 24.76 -8.37
N THR B 186 -3.42 25.95 -7.88
CA THR B 186 -4.43 26.81 -7.23
C THR B 186 -4.55 28.11 -8.03
N PRO B 187 -5.75 28.69 -8.09
CA PRO B 187 -5.91 29.96 -8.80
C PRO B 187 -5.03 31.08 -8.24
N GLU B 188 -4.84 31.08 -6.92
CA GLU B 188 -4.02 32.11 -6.30
C GLU B 188 -2.55 31.97 -6.72
N ASP B 189 -2.05 30.74 -6.84
CA ASP B 189 -0.69 30.53 -7.31
C ASP B 189 -0.53 30.97 -8.78
N VAL B 190 -1.51 30.62 -9.63
CA VAL B 190 -1.47 31.03 -11.03
C VAL B 190 -1.41 32.55 -11.14
N LYS B 191 -2.23 33.22 -10.34
CA LYS B 191 -2.25 34.68 -10.32
C LYS B 191 -0.92 35.26 -9.84
N LEU B 192 -0.41 34.76 -8.71
CA LEU B 192 0.88 35.20 -8.19
C LEU B 192 1.98 35.00 -9.24
N MET B 193 2.00 33.83 -9.87
CA MET B 193 3.01 33.56 -10.90
C MET B 193 2.90 34.50 -12.09
N LYS B 194 1.68 34.74 -12.58
CA LYS B 194 1.51 35.62 -13.73
C LYS B 194 1.82 37.06 -13.34
N ASP B 195 1.43 37.48 -12.13
CA ASP B 195 1.74 38.84 -11.67
C ASP B 195 3.26 39.03 -11.65
N THR B 196 4.00 37.98 -11.30
CA THR B 196 5.46 38.09 -11.18
C THR B 196 6.15 38.17 -12.54
N VAL B 197 5.77 37.29 -13.47
CA VAL B 197 6.41 37.22 -14.80
C VAL B 197 5.88 38.24 -15.81
N GLY B 198 4.66 38.73 -15.60
CA GLY B 198 4.05 39.68 -16.53
C GLY B 198 3.95 39.04 -17.90
N ASP B 199 4.32 39.81 -18.92
CA ASP B 199 4.37 39.31 -20.30
C ASP B 199 5.72 38.67 -20.68
N LYS B 200 6.65 38.53 -19.73
CA LYS B 200 7.99 38.00 -20.04
C LYS B 200 8.02 36.48 -20.07
N ALA B 201 7.01 35.85 -19.46
CA ALA B 201 6.89 34.38 -19.55
C ALA B 201 5.40 34.06 -19.50
N LEU B 202 5.07 32.84 -19.88
CA LEU B 202 3.69 32.35 -19.80
C LEU B 202 3.58 31.38 -18.64
N VAL B 203 2.35 31.17 -18.19
CA VAL B 203 2.04 30.30 -17.06
C VAL B 203 1.24 29.09 -17.49
N LYS B 204 1.67 27.92 -17.02
CA LYS B 204 0.92 26.67 -17.19
C LYS B 204 0.42 26.19 -15.84
N ALA B 205 -0.88 25.94 -15.78
CA ALA B 205 -1.56 25.39 -14.61
C ALA B 205 -1.71 23.89 -14.81
N ALA B 206 -1.26 23.13 -13.82
CA ALA B 206 -1.35 21.65 -13.89
C ALA B 206 -1.59 21.04 -12.52
N GLY B 207 -2.27 19.90 -12.52
CA GLY B 207 -2.58 19.14 -11.31
C GLY B 207 -3.96 19.47 -10.77
N GLY B 208 -4.84 18.49 -10.82
CA GLY B 208 -6.17 18.63 -10.25
C GLY B 208 -7.21 19.38 -11.05
N ILE B 209 -6.90 19.67 -12.33
CA ILE B 209 -7.82 20.37 -13.22
C ILE B 209 -8.70 19.34 -13.94
N ARG B 210 -9.96 19.25 -13.49
CA ARG B 210 -10.85 18.15 -13.84
C ARG B 210 -12.00 18.56 -14.75
N THR B 211 -12.41 19.83 -14.69
CA THR B 211 -13.62 20.29 -15.33
C THR B 211 -13.38 21.52 -16.16
N PHE B 212 -14.33 21.80 -17.04
CA PHE B 212 -14.38 23.04 -17.80
C PHE B 212 -14.18 24.27 -16.91
N ASP B 213 -14.98 24.40 -15.84
CA ASP B 213 -14.87 25.56 -14.98
C ASP B 213 -13.51 25.66 -14.23
N ASP B 214 -12.91 24.52 -13.89
CA ASP B 214 -11.55 24.53 -13.30
C ASP B 214 -10.57 25.13 -14.30
N ALA B 215 -10.62 24.65 -15.54
CA ALA B 215 -9.73 25.16 -16.59
C ALA B 215 -9.92 26.65 -16.84
N MET B 216 -11.17 27.09 -16.96
CA MET B 216 -11.45 28.49 -17.19
C MET B 216 -11.00 29.36 -16.03
N LYS B 217 -11.12 28.86 -14.80
CA LYS B 217 -10.64 29.60 -13.64
C LYS B 217 -9.10 29.80 -13.70
N MET B 218 -8.38 28.77 -14.10
CA MET B 218 -6.93 28.93 -14.23
C MET B 218 -6.60 29.90 -15.34
N ILE B 219 -7.28 29.78 -16.48
CA ILE B 219 -7.06 30.72 -17.59
C ILE B 219 -7.35 32.16 -17.12
N ASN B 220 -8.43 32.35 -16.36
CA ASN B 220 -8.82 33.69 -15.90
C ASN B 220 -7.72 34.31 -15.05
N ASN B 221 -6.99 33.47 -14.33
CA ASN B 221 -5.95 33.94 -13.45
C ASN B 221 -4.57 34.11 -14.12
N GLY B 222 -4.47 33.80 -15.42
CA GLY B 222 -3.23 34.04 -16.18
C GLY B 222 -2.61 32.81 -16.85
N ALA B 223 -3.22 31.63 -16.76
CA ALA B 223 -2.69 30.46 -17.44
C ALA B 223 -2.87 30.51 -18.94
N SER B 224 -1.78 30.26 -19.68
CA SER B 224 -1.82 30.14 -21.15
C SER B 224 -1.86 28.67 -21.60
N ARG B 225 -1.62 27.76 -20.65
CA ARG B 225 -1.64 26.33 -20.92
C ARG B 225 -2.20 25.62 -19.70
N ILE B 226 -2.80 24.45 -19.92
CA ILE B 226 -3.41 23.63 -18.90
C ILE B 226 -2.89 22.21 -19.06
N GLY B 227 -2.31 21.65 -17.99
CA GLY B 227 -1.95 20.25 -17.97
C GLY B 227 -3.05 19.44 -17.32
N ALA B 228 -3.49 18.39 -17.98
CA ALA B 228 -4.59 17.60 -17.48
C ALA B 228 -4.62 16.24 -18.18
N SER B 229 -5.26 15.28 -17.53
CA SER B 229 -5.59 14.00 -18.13
C SER B 229 -7.07 14.01 -18.58
N ALA B 230 -7.86 14.93 -18.03
CA ALA B 230 -9.31 14.98 -18.26
C ALA B 230 -9.74 15.92 -19.41
N GLY B 231 -8.86 16.15 -20.39
CA GLY B 231 -9.15 17.04 -21.50
C GLY B 231 -10.48 16.83 -22.23
N ILE B 232 -10.82 15.58 -22.50
CA ILE B 232 -12.05 15.29 -23.23
C ILE B 232 -13.27 15.71 -22.41
N ALA B 233 -13.26 15.38 -21.11
CA ALA B 233 -14.32 15.81 -20.17
C ALA B 233 -14.38 17.34 -20.01
N ILE B 234 -13.21 17.97 -19.99
CA ILE B 234 -13.13 19.44 -19.95
C ILE B 234 -13.79 20.06 -21.17
N LEU B 235 -13.46 19.59 -22.38
CA LEU B 235 -14.14 20.07 -23.58
C LEU B 235 -15.63 19.76 -23.53
N ASN B 236 -16.00 18.56 -23.09
CA ASN B 236 -17.42 18.17 -23.15
C ASN B 236 -18.28 18.86 -22.11
N GLY B 237 -17.62 19.49 -21.13
CA GLY B 237 -18.29 20.24 -20.09
C GLY B 237 -18.49 21.74 -20.36
N ILE B 238 -18.11 22.21 -21.55
CA ILE B 238 -18.33 23.60 -21.96
C ILE B 238 -19.79 24.01 -21.77
N HIS B 239 -19.98 25.18 -21.15
CA HIS B 239 -21.29 25.73 -20.92
C HIS B 239 -21.20 27.22 -20.66
N PRO C 19 18.74 -17.38 22.42
CA PRO C 19 20.07 -17.26 21.82
C PRO C 19 20.02 -17.04 20.32
N GLY C 20 20.97 -16.27 19.79
CA GLY C 20 20.98 -15.98 18.36
C GLY C 20 19.94 -14.94 17.93
N SER C 21 19.34 -14.22 18.87
CA SER C 21 18.36 -13.18 18.49
C SER C 21 19.10 -11.96 17.93
N MET C 22 18.35 -11.15 17.17
CA MET C 22 18.90 -9.98 16.49
C MET C 22 19.31 -8.92 17.52
N ASP C 23 20.54 -8.40 17.41
CA ASP C 23 20.97 -7.27 18.24
C ASP C 23 21.14 -5.98 17.41
N LYS C 24 21.45 -4.87 18.08
CA LYS C 24 21.37 -3.55 17.46
C LYS C 24 22.50 -3.37 16.43
N ALA C 25 23.72 -3.83 16.75
CA ALA C 25 24.84 -3.66 15.81
C ALA C 25 24.61 -4.43 14.49
N THR C 26 24.11 -5.65 14.61
CA THR C 26 23.77 -6.48 13.47
C THR C 26 22.62 -5.86 12.67
N LEU C 27 21.56 -5.46 13.36
CA LEU C 27 20.37 -4.90 12.67
C LEU C 27 20.72 -3.60 11.94
N ALA C 28 21.59 -2.78 12.55
CA ALA C 28 21.96 -1.51 11.95
C ALA C 28 22.58 -1.71 10.59
N LYS C 29 23.30 -2.80 10.41
CA LYS C 29 23.96 -3.02 9.13
C LYS C 29 23.03 -3.49 7.99
N TYR C 30 21.77 -3.73 8.32
CA TYR C 30 20.75 -3.90 7.30
C TYR C 30 20.19 -2.59 6.78
N ILE C 31 20.36 -1.48 7.51
CA ILE C 31 19.56 -0.28 7.24
C ILE C 31 20.23 0.75 6.30
N ASP C 32 19.48 1.12 5.27
CA ASP C 32 19.77 2.22 4.38
C ASP C 32 18.86 3.35 4.86
N HIS C 33 19.50 4.32 5.51
CA HIS C 33 18.84 5.44 6.16
C HIS C 33 18.46 6.46 5.08
N THR C 34 17.15 6.61 4.83
CA THR C 34 16.65 7.14 3.56
C THR C 34 15.91 8.45 3.71
N LEU C 35 16.23 9.41 2.83
CA LEU C 35 15.46 10.64 2.66
C LEU C 35 15.45 11.03 1.19
N LEU C 36 14.25 10.96 0.59
CA LEU C 36 14.09 11.14 -0.86
C LEU C 36 13.00 12.12 -1.27
N LYS C 37 12.39 12.76 -0.28
CA LYS C 37 11.34 13.77 -0.52
C LYS C 37 11.89 14.89 -1.39
N ALA C 38 11.07 15.37 -2.32
CA ALA C 38 11.50 16.41 -3.29
C ALA C 38 11.95 17.68 -2.59
N ASP C 39 11.35 17.98 -1.42
CA ASP C 39 11.64 19.22 -0.71
C ASP C 39 12.61 19.02 0.48
N ALA C 40 13.38 17.93 0.45
CA ALA C 40 14.38 17.71 1.51
C ALA C 40 15.41 18.82 1.51
N THR C 41 15.87 19.18 2.71
CA THR C 41 16.74 20.35 2.92
C THR C 41 18.14 19.91 3.28
N GLU C 42 19.09 20.78 2.99
CA GLU C 42 20.48 20.58 3.43
C GLU C 42 20.57 20.18 4.91
N GLU C 43 19.82 20.86 5.75
CA GLU C 43 19.87 20.61 7.19
C GLU C 43 19.43 19.16 7.47
N GLN C 44 18.42 18.71 6.74
CA GLN C 44 17.85 17.36 6.93
C GLN C 44 18.82 16.29 6.44
N ILE C 45 19.52 16.58 5.34
CA ILE C 45 20.52 15.68 4.79
C ILE C 45 21.73 15.59 5.73
N ARG C 46 22.17 16.72 6.28
CA ARG C 46 23.25 16.73 7.28
C ARG C 46 22.90 15.88 8.54
N LYS C 47 21.65 16.01 8.98
CA LYS C 47 21.14 15.20 10.09
C LYS C 47 21.09 13.71 9.77
N LEU C 48 20.66 13.39 8.54
CA LEU C 48 20.62 12.01 8.06
C LEU C 48 22.01 11.39 8.13
N CYS C 49 23.02 12.12 7.65
CA CYS C 49 24.40 11.63 7.70
C CYS C 49 24.91 11.47 9.13
N SER C 50 24.61 12.45 9.99
CA SER C 50 25.08 12.43 11.37
C SER C 50 24.49 11.21 12.08
N GLU C 51 23.19 10.97 11.88
CA GLU C 51 22.54 9.77 12.42
C GLU C 51 23.13 8.46 11.93
N ALA C 52 23.37 8.37 10.61
CA ALA C 52 23.86 7.14 10.06
C ALA C 52 25.26 6.83 10.61
N ALA C 53 26.09 7.84 10.75
CA ALA C 53 27.43 7.70 11.36
C ALA C 53 27.35 7.22 12.80
N GLU C 54 26.46 7.82 13.57
CA GLU C 54 26.33 7.49 14.98
C GLU C 54 25.83 6.06 15.17
N TYR C 55 24.80 5.66 14.41
CA TYR C 55 24.20 4.34 14.55
C TYR C 55 24.81 3.26 13.68
N LYS C 56 25.77 3.63 12.83
CA LYS C 56 26.48 2.70 12.00
C LYS C 56 25.49 1.93 11.11
N PHE C 57 24.59 2.67 10.48
CA PHE C 57 23.76 2.11 9.43
C PHE C 57 24.62 1.73 8.21
N ALA C 58 24.10 0.85 7.37
CA ALA C 58 24.80 0.44 6.16
C ALA C 58 25.11 1.62 5.24
N SER C 59 24.11 2.48 5.04
CA SER C 59 24.20 3.57 4.06
C SER C 59 23.26 4.71 4.44
N VAL C 60 23.47 5.86 3.82
CA VAL C 60 22.40 6.82 3.56
C VAL C 60 21.92 6.63 2.11
N CYS C 61 20.63 6.86 1.88
CA CYS C 61 20.06 6.83 0.53
CA CYS C 61 20.05 6.84 0.53
C CYS C 61 19.37 8.17 0.30
N VAL C 62 19.92 8.91 -0.67
CA VAL C 62 19.52 10.27 -0.98
C VAL C 62 19.41 10.43 -2.51
N ASN C 63 18.72 11.49 -2.94
CA ASN C 63 18.64 11.80 -4.35
C ASN C 63 19.98 12.30 -4.87
N PRO C 64 20.22 12.14 -6.18
CA PRO C 64 21.58 12.39 -6.71
C PRO C 64 22.18 13.78 -6.41
N THR C 65 21.34 14.80 -6.27
CA THR C 65 21.83 16.13 -6.00
C THR C 65 22.66 16.20 -4.69
N TRP C 66 22.35 15.34 -3.73
CA TRP C 66 22.96 15.36 -2.41
C TRP C 66 24.21 14.46 -2.28
N VAL C 67 24.58 13.77 -3.35
CA VAL C 67 25.72 12.84 -3.31
C VAL C 67 27.03 13.49 -2.85
N PRO C 68 27.43 14.64 -3.44
CA PRO C 68 28.74 15.18 -3.01
C PRO C 68 28.76 15.55 -1.54
N LEU C 69 27.67 16.12 -1.03
CA LEU C 69 27.62 16.51 0.37
C LEU C 69 27.75 15.28 1.26
N CYS C 70 26.96 14.25 0.97
CA CYS C 70 27.00 13.04 1.77
C CYS C 70 28.38 12.36 1.67
N ALA C 71 28.97 12.35 0.47
CA ALA C 71 30.29 11.74 0.30
C ALA C 71 31.32 12.42 1.19
N GLU C 72 31.24 13.75 1.28
CA GLU C 72 32.16 14.50 2.11
C GLU C 72 31.92 14.23 3.61
N LEU C 73 30.66 14.25 4.00
CA LEU C 73 30.28 14.09 5.40
C LEU C 73 30.60 12.70 5.93
N LEU C 74 30.53 11.68 5.08
CA LEU C 74 30.68 10.32 5.53
C LEU C 74 32.09 9.74 5.28
N LYS C 75 33.03 10.58 4.81
CA LYS C 75 34.42 10.17 4.68
C LYS C 75 34.87 9.71 6.04
N GLY C 76 35.58 8.59 6.07
CA GLY C 76 36.04 8.02 7.33
C GLY C 76 35.01 7.44 8.29
N THR C 77 33.81 7.05 7.82
CA THR C 77 32.75 6.49 8.73
C THR C 77 32.26 5.02 8.59
N GLY C 78 32.52 4.40 7.45
CA GLY C 78 31.98 3.06 7.18
C GLY C 78 30.61 3.06 6.52
N VAL C 79 29.93 4.20 6.57
CA VAL C 79 28.59 4.38 5.97
C VAL C 79 28.74 4.68 4.49
N LYS C 80 28.03 3.91 3.66
CA LYS C 80 28.09 4.06 2.21
C LYS C 80 27.11 5.16 1.77
N VAL C 81 27.43 5.80 0.65
CA VAL C 81 26.51 6.73 -0.03
C VAL C 81 25.77 5.99 -1.14
N CYS C 82 24.48 5.87 -0.96
CA CYS C 82 23.60 5.26 -1.92
C CYS C 82 22.71 6.35 -2.52
N THR C 83 22.45 6.24 -3.82
CA THR C 83 21.55 7.17 -4.46
C THR C 83 20.60 6.42 -5.38
N VAL C 84 19.69 7.14 -5.98
CA VAL C 84 18.65 6.55 -6.80
C VAL C 84 18.73 7.08 -8.24
N ILE C 85 18.38 6.23 -9.21
CA ILE C 85 18.65 6.47 -10.62
C ILE C 85 17.37 6.28 -11.42
N GLY C 86 17.02 7.27 -12.25
CA GLY C 86 15.77 7.23 -13.03
C GLY C 86 14.55 7.12 -12.11
N PHE C 87 14.60 7.84 -10.99
CA PHE C 87 13.74 7.58 -9.83
C PHE C 87 12.74 8.71 -9.63
N PRO C 88 11.48 8.41 -9.24
CA PRO C 88 10.92 7.11 -8.96
C PRO C 88 10.19 6.43 -10.13
N LEU C 89 10.12 7.05 -11.31
CA LEU C 89 9.23 6.53 -12.37
C LEU C 89 9.86 5.55 -13.34
N GLY C 90 11.19 5.62 -13.52
CA GLY C 90 11.91 4.66 -14.37
C GLY C 90 11.72 4.84 -15.87
N ALA C 91 11.06 5.92 -16.25
CA ALA C 91 10.50 6.08 -17.59
C ALA C 91 11.33 7.08 -18.42
N THR C 92 12.64 6.87 -18.44
CA THR C 92 13.56 7.70 -19.20
C THR C 92 14.56 6.80 -19.91
N PRO C 93 15.16 7.25 -21.03
CA PRO C 93 15.96 6.29 -21.77
C PRO C 93 17.14 5.72 -20.99
N SER C 94 17.56 4.51 -21.36
CA SER C 94 18.69 3.86 -20.72
C SER C 94 19.94 4.74 -20.66
N GLU C 95 20.22 5.44 -21.75
CA GLU C 95 21.42 6.30 -21.82
C GLU C 95 21.39 7.43 -20.80
N VAL C 96 20.20 7.94 -20.51
CA VAL C 96 20.00 8.93 -19.44
C VAL C 96 20.21 8.30 -18.04
N LYS C 97 19.65 7.12 -17.81
CA LYS C 97 19.92 6.40 -16.56
C LYS C 97 21.44 6.18 -16.39
N ALA C 98 22.09 5.79 -17.48
CA ALA C 98 23.53 5.52 -17.46
C ALA C 98 24.34 6.80 -17.16
N TYR C 99 23.95 7.92 -17.76
CA TYR C 99 24.65 9.18 -17.51
C TYR C 99 24.47 9.65 -16.05
N GLU C 100 23.24 9.57 -15.53
CA GLU C 100 22.95 9.91 -14.13
C GLU C 100 23.81 9.05 -13.18
N THR C 101 23.94 7.77 -13.50
CA THR C 101 24.81 6.86 -12.75
C THR C 101 26.27 7.27 -12.78
N LYS C 102 26.77 7.56 -13.98
CA LYS C 102 28.16 7.96 -14.15
C LYS C 102 28.47 9.20 -13.30
N VAL C 103 27.60 10.20 -13.37
CA VAL C 103 27.79 11.42 -12.61
C VAL C 103 27.74 11.17 -11.11
N ALA C 104 26.75 10.38 -10.68
CA ALA C 104 26.63 10.01 -9.27
C ALA C 104 27.88 9.32 -8.75
N VAL C 105 28.39 8.37 -9.51
CA VAL C 105 29.59 7.63 -9.06
C VAL C 105 30.81 8.55 -9.03
N GLU C 106 30.95 9.42 -10.05
CA GLU C 106 32.02 10.43 -10.08
C GLU C 106 31.99 11.33 -8.84
N GLN C 107 30.79 11.66 -8.39
CA GLN C 107 30.56 12.55 -7.25
C GLN C 107 30.66 11.87 -5.87
N GLY C 108 30.84 10.53 -5.84
CA GLY C 108 31.07 9.79 -4.60
C GLY C 108 30.09 8.70 -4.24
N ALA C 109 29.10 8.42 -5.09
CA ALA C 109 28.13 7.36 -4.79
C ALA C 109 28.81 5.98 -4.81
N GLU C 110 28.51 5.17 -3.79
CA GLU C 110 29.03 3.80 -3.67
C GLU C 110 27.99 2.71 -3.98
N GLU C 111 26.71 3.10 -4.06
CA GLU C 111 25.64 2.20 -4.51
C GLU C 111 24.63 3.04 -5.28
N VAL C 112 24.04 2.46 -6.31
CA VAL C 112 23.01 3.16 -7.10
C VAL C 112 21.79 2.23 -7.21
N ASP C 113 20.61 2.80 -7.04
CA ASP C 113 19.35 2.07 -7.00
C ASP C 113 18.50 2.61 -8.16
N MET C 114 18.51 1.92 -9.30
CA MET C 114 17.73 2.33 -10.47
C MET C 114 16.30 1.81 -10.43
N VAL C 115 15.39 2.51 -11.09
CA VAL C 115 14.04 2.00 -11.31
C VAL C 115 13.92 1.45 -12.72
N ILE C 116 13.30 0.28 -12.84
CA ILE C 116 13.06 -0.32 -14.16
C ILE C 116 12.12 0.49 -15.02
N ASN C 117 12.20 0.24 -16.33
CA ASN C 117 11.23 0.76 -17.28
C ASN C 117 10.00 -0.16 -17.33
N ILE C 118 8.96 0.18 -16.59
CA ILE C 118 7.80 -0.71 -16.43
C ILE C 118 7.05 -0.94 -17.76
N GLY C 119 6.98 0.11 -18.58
CA GLY C 119 6.43 -0.01 -19.94
C GLY C 119 7.05 -1.16 -20.72
N MET C 120 8.36 -1.37 -20.55
CA MET C 120 9.01 -2.52 -21.22
C MET C 120 8.48 -3.85 -20.70
N VAL C 121 8.27 -3.93 -19.40
CA VAL C 121 7.78 -5.16 -18.76
C VAL C 121 6.37 -5.46 -19.25
N LYS C 122 5.52 -4.45 -19.28
CA LYS C 122 4.13 -4.65 -19.70
C LYS C 122 4.03 -5.03 -21.19
N ALA C 123 4.99 -4.62 -21.99
CA ALA C 123 5.05 -5.00 -23.41
C ALA C 123 5.72 -6.37 -23.60
N LYS C 124 6.13 -6.98 -22.50
CA LYS C 124 6.86 -8.25 -22.48
C LYS C 124 8.15 -8.20 -23.32
N LYS C 125 8.80 -7.05 -23.28
CA LYS C 125 10.09 -6.83 -23.93
C LYS C 125 11.19 -6.97 -22.88
N TYR C 126 11.35 -8.19 -22.40
CA TYR C 126 12.31 -8.45 -21.33
C TYR C 126 13.77 -8.38 -21.76
N ASP C 127 14.11 -8.65 -23.03
CA ASP C 127 15.49 -8.38 -23.44
C ASP C 127 15.80 -6.88 -23.30
N ASP C 128 14.80 -6.05 -23.59
CA ASP C 128 14.97 -4.59 -23.45
C ASP C 128 15.11 -4.18 -21.96
N VAL C 129 14.33 -4.81 -21.08
CA VAL C 129 14.51 -4.60 -19.61
C VAL C 129 15.96 -4.95 -19.18
N GLU C 130 16.48 -6.09 -19.65
CA GLU C 130 17.84 -6.52 -19.33
C GLU C 130 18.85 -5.47 -19.84
N LYS C 131 18.67 -5.01 -21.07
CA LYS C 131 19.55 -3.98 -21.65
C LYS C 131 19.56 -2.67 -20.83
N ASP C 132 18.37 -2.27 -20.37
CA ASP C 132 18.21 -1.09 -19.53
C ASP C 132 18.99 -1.28 -18.25
N VAL C 133 18.84 -2.44 -17.58
CA VAL C 133 19.63 -2.68 -16.37
C VAL C 133 21.14 -2.74 -16.64
N LYS C 134 21.54 -3.40 -17.72
CA LYS C 134 22.95 -3.54 -18.07
C LYS C 134 23.61 -2.20 -18.34
N ALA C 135 22.85 -1.25 -18.90
CA ALA C 135 23.37 0.09 -19.13
C ALA C 135 23.79 0.73 -17.81
N VAL C 136 22.96 0.56 -16.77
CA VAL C 136 23.27 1.11 -15.44
C VAL C 136 24.39 0.34 -14.78
N VAL C 137 24.35 -0.98 -14.85
CA VAL C 137 25.42 -1.82 -14.31
C VAL C 137 26.80 -1.45 -14.89
N ASP C 138 26.84 -1.24 -16.20
CA ASP C 138 28.08 -0.83 -16.88
C ASP C 138 28.58 0.55 -16.40
N ALA C 139 27.65 1.47 -16.23
CA ALA C 139 27.95 2.83 -15.77
C ALA C 139 28.36 2.88 -14.30
N SER C 140 27.91 1.91 -13.50
CA SER C 140 28.13 1.93 -12.06
C SER C 140 29.59 1.77 -11.63
N GLY C 141 30.44 1.14 -12.45
CA GLY C 141 31.83 0.95 -12.08
C GLY C 141 31.97 0.30 -10.73
N LYS C 142 32.76 0.93 -9.84
CA LYS C 142 33.01 0.41 -8.49
C LYS C 142 31.75 0.35 -7.62
N ALA C 143 30.73 1.16 -7.95
CA ALA C 143 29.51 1.20 -7.17
C ALA C 143 28.68 -0.06 -7.41
N LEU C 144 28.02 -0.50 -6.37
CA LEU C 144 27.08 -1.60 -6.44
C LEU C 144 25.77 -1.11 -7.09
N THR C 145 25.08 -1.99 -7.84
CA THR C 145 23.77 -1.68 -8.45
C THR C 145 22.62 -2.47 -7.81
N LYS C 146 21.58 -1.74 -7.43
CA LYS C 146 20.34 -2.34 -6.97
C LYS C 146 19.26 -1.97 -7.99
N VAL C 147 18.36 -2.89 -8.28
CA VAL C 147 17.29 -2.64 -9.23
C VAL C 147 15.93 -2.69 -8.58
N ILE C 148 15.26 -1.53 -8.58
CA ILE C 148 13.92 -1.38 -8.04
C ILE C 148 12.92 -1.86 -9.05
N ILE C 149 12.18 -2.91 -8.71
CA ILE C 149 11.25 -3.49 -9.67
C ILE C 149 9.82 -2.99 -9.51
N GLU C 150 9.56 -2.27 -8.42
CA GLU C 150 8.26 -1.65 -8.12
C GLU C 150 7.13 -2.68 -8.15
N CYS C 151 7.23 -3.60 -7.20
CA CYS C 151 6.30 -4.73 -7.11
C CYS C 151 4.81 -4.33 -7.14
N CYS C 152 4.47 -3.20 -6.51
CA CYS C 152 3.06 -2.77 -6.47
C CYS C 152 2.38 -2.67 -7.84
N TYR C 153 3.16 -2.47 -8.89
CA TYR C 153 2.64 -2.29 -10.25
C TYR C 153 2.86 -3.52 -11.14
N LEU C 154 3.41 -4.59 -10.59
CA LEU C 154 3.76 -5.76 -11.38
C LEU C 154 2.94 -6.95 -10.95
N THR C 155 2.67 -7.86 -11.91
CA THR C 155 2.14 -9.19 -11.58
C THR C 155 3.29 -10.07 -11.01
N ASN C 156 2.93 -11.16 -10.36
CA ASN C 156 3.92 -12.12 -9.87
C ASN C 156 4.81 -12.69 -10.98
N GLU C 157 4.22 -13.04 -12.12
CA GLU C 157 5.02 -13.51 -13.24
C GLU C 157 6.03 -12.47 -13.68
N GLU C 158 5.58 -11.21 -13.72
CA GLU C 158 6.48 -10.11 -14.10
C GLU C 158 7.61 -9.91 -13.08
N LYS C 159 7.30 -9.98 -11.78
CA LYS C 159 8.33 -9.88 -10.73
C LYS C 159 9.41 -10.92 -10.97
N VAL C 160 8.98 -12.15 -11.26
CA VAL C 160 9.94 -13.25 -11.41
C VAL C 160 10.85 -13.01 -12.62
N GLU C 161 10.26 -12.72 -13.77
CA GLU C 161 11.06 -12.53 -14.96
C GLU C 161 11.99 -11.33 -14.86
N VAL C 162 11.51 -10.25 -14.24
CA VAL C 162 12.36 -9.07 -14.08
C VAL C 162 13.59 -9.43 -13.21
N CYS C 163 13.38 -10.13 -12.09
CA CYS C 163 14.47 -10.53 -11.21
C CYS C 163 15.50 -11.38 -11.97
N LYS C 164 15.03 -12.29 -12.80
CA LYS C 164 15.94 -13.10 -13.64
C LYS C 164 16.80 -12.24 -14.54
N ARG C 165 16.20 -11.20 -15.12
CA ARG C 165 16.94 -10.33 -16.03
C ARG C 165 17.94 -9.44 -15.28
N CYS C 166 17.59 -9.08 -14.04
CA CYS C 166 18.51 -8.34 -13.21
C CYS C 166 19.76 -9.18 -12.92
N VAL C 167 19.60 -10.46 -12.61
CA VAL C 167 20.77 -11.32 -12.38
C VAL C 167 21.60 -11.46 -13.66
N ALA C 168 20.91 -11.62 -14.79
CA ALA C 168 21.57 -11.78 -16.09
C ALA C 168 22.43 -10.56 -16.46
N ALA C 169 21.95 -9.37 -16.08
CA ALA C 169 22.62 -8.11 -16.36
C ALA C 169 23.78 -7.85 -15.41
N GLY C 170 23.81 -8.57 -14.30
CA GLY C 170 24.90 -8.47 -13.33
C GLY C 170 24.67 -7.55 -12.15
N ALA C 171 23.42 -7.19 -11.87
CA ALA C 171 23.11 -6.36 -10.72
C ALA C 171 23.29 -7.13 -9.43
N GLU C 172 23.84 -6.48 -8.41
CA GLU C 172 24.08 -7.14 -7.13
C GLU C 172 22.81 -7.32 -6.34
N TYR C 173 21.85 -6.41 -6.51
CA TYR C 173 20.61 -6.41 -5.74
C TYR C 173 19.38 -6.24 -6.60
N VAL C 174 18.27 -6.84 -6.15
CA VAL C 174 16.91 -6.48 -6.58
C VAL C 174 16.17 -5.86 -5.37
N LYS C 175 15.25 -4.94 -5.63
CA LYS C 175 14.69 -4.09 -4.58
C LYS C 175 13.18 -3.98 -4.81
N THR C 176 12.41 -4.11 -3.73
CA THR C 176 10.97 -4.22 -3.87
C THR C 176 10.31 -3.00 -4.50
N SER C 177 10.73 -1.81 -4.12
CA SER C 177 9.84 -0.65 -4.23
C SER C 177 10.57 0.67 -4.14
N THR C 178 9.95 1.74 -4.66
CA THR C 178 10.46 3.10 -4.56
C THR C 178 10.04 3.78 -3.26
N GLY C 179 8.91 3.34 -2.71
CA GLY C 179 8.26 4.05 -1.58
C GLY C 179 7.36 5.21 -2.01
N PHE C 180 7.26 5.40 -3.31
CA PHE C 180 6.44 6.45 -3.91
C PHE C 180 5.24 5.86 -4.65
N GLY C 181 5.18 4.54 -4.82
CA GLY C 181 4.06 3.91 -5.51
C GLY C 181 2.91 3.66 -4.54
N THR C 182 1.94 2.88 -4.97
CA THR C 182 0.76 2.61 -4.15
C THR C 182 1.10 1.88 -2.87
N HIS C 183 2.10 0.99 -2.90
CA HIS C 183 2.61 0.42 -1.67
C HIS C 183 4.03 -0.04 -1.85
N GLY C 184 4.66 -0.36 -0.72
CA GLY C 184 6.05 -0.75 -0.69
C GLY C 184 6.27 -2.24 -0.50
N ALA C 185 7.19 -2.57 0.39
CA ALA C 185 7.60 -3.94 0.59
C ALA C 185 6.49 -4.79 1.22
N THR C 186 6.28 -6.00 0.66
CA THR C 186 5.50 -7.06 1.36
C THR C 186 6.41 -8.26 1.62
N PRO C 187 6.17 -8.98 2.73
CA PRO C 187 7.00 -10.16 2.99
C PRO C 187 6.90 -11.21 1.89
N GLU C 188 5.71 -11.32 1.29
CA GLU C 188 5.48 -12.28 0.20
C GLU C 188 6.28 -11.91 -1.05
N ASP C 189 6.35 -10.61 -1.35
CA ASP C 189 7.17 -10.14 -2.49
C ASP C 189 8.65 -10.38 -2.23
N VAL C 190 9.10 -10.16 -1.00
CA VAL C 190 10.52 -10.42 -0.65
C VAL C 190 10.86 -11.89 -0.86
N LYS C 191 9.99 -12.76 -0.38
CA LYS C 191 10.19 -14.21 -0.52
C LYS C 191 10.19 -14.63 -1.98
N LEU C 192 9.25 -14.14 -2.78
CA LEU C 192 9.23 -14.45 -4.22
C LEU C 192 10.50 -14.01 -4.93
N MET C 193 10.97 -12.81 -4.63
CA MET C 193 12.16 -12.30 -5.25
C MET C 193 13.40 -13.14 -4.86
N LYS C 194 13.52 -13.43 -3.57
CA LYS C 194 14.65 -14.22 -3.07
C LYS C 194 14.62 -15.64 -3.60
N ASP C 195 13.42 -16.23 -3.69
CA ASP C 195 13.29 -17.56 -4.28
C ASP C 195 13.76 -17.58 -5.74
N THR C 196 13.54 -16.47 -6.43
CA THR C 196 13.89 -16.33 -7.84
C THR C 196 15.40 -16.16 -8.03
N VAL C 197 16.00 -15.22 -7.29
CA VAL C 197 17.44 -14.95 -7.43
C VAL C 197 18.38 -15.84 -6.60
N GLY C 198 17.88 -16.50 -5.58
CA GLY C 198 18.71 -17.35 -4.72
C GLY C 198 19.86 -16.55 -4.13
N ASP C 199 21.06 -17.11 -4.19
CA ASP C 199 22.26 -16.40 -3.75
C ASP C 199 22.96 -15.67 -4.90
N LYS C 200 22.35 -15.62 -6.10
CA LYS C 200 22.95 -14.88 -7.24
C LYS C 200 22.80 -13.39 -7.07
N ALA C 201 21.83 -12.97 -6.26
CA ALA C 201 21.67 -11.57 -5.94
C ALA C 201 21.07 -11.46 -4.54
N LEU C 202 21.18 -10.27 -3.98
CA LEU C 202 20.57 -9.97 -2.72
C LEU C 202 19.29 -9.16 -2.92
N VAL C 203 18.44 -9.19 -1.90
CA VAL C 203 17.12 -8.50 -1.94
C VAL C 203 17.08 -7.38 -0.91
N LYS C 204 16.69 -6.17 -1.36
CA LYS C 204 16.42 -5.06 -0.49
C LYS C 204 14.91 -4.83 -0.45
N ALA C 205 14.39 -4.73 0.77
CA ALA C 205 12.98 -4.42 1.00
C ALA C 205 12.93 -2.94 1.36
N ALA C 206 12.00 -2.21 0.77
CA ALA C 206 11.89 -0.77 0.99
C ALA C 206 10.46 -0.29 0.86
N GLY C 207 10.14 0.75 1.61
CA GLY C 207 8.83 1.39 1.60
C GLY C 207 7.89 0.83 2.63
N GLY C 208 7.44 1.70 3.55
CA GLY C 208 6.43 1.33 4.54
C GLY C 208 6.94 0.53 5.72
N ILE C 209 8.26 0.40 5.83
CA ILE C 209 8.88 -0.36 6.92
C ILE C 209 9.11 0.59 8.07
N ARG C 210 8.23 0.51 9.07
CA ARG C 210 8.19 1.48 10.19
C ARG C 210 8.65 0.95 11.53
N THR C 211 8.62 -0.37 11.71
CA THR C 211 8.90 -0.98 13.01
C THR C 211 9.93 -2.09 12.91
N PHE C 212 10.49 -2.45 14.05
CA PHE C 212 11.30 -3.66 14.18
C PHE C 212 10.57 -4.87 13.62
N ASP C 213 9.29 -5.08 14.00
CA ASP C 213 8.55 -6.25 13.48
C ASP C 213 8.42 -6.21 11.96
N ASP C 214 8.18 -5.02 11.40
CA ASP C 214 8.13 -4.88 9.92
C ASP C 214 9.45 -5.32 9.32
N ALA C 215 10.54 -4.83 9.90
CA ALA C 215 11.85 -5.11 9.38
C ALA C 215 12.14 -6.60 9.42
N MET C 216 11.80 -7.24 10.54
CA MET C 216 12.10 -8.66 10.71
C MET C 216 11.31 -9.53 9.76
N LYS C 217 10.06 -9.14 9.47
CA LYS C 217 9.27 -9.88 8.47
C LYS C 217 10.00 -9.90 7.13
N MET C 218 10.57 -8.77 6.74
CA MET C 218 11.32 -8.71 5.50
C MET C 218 12.61 -9.57 5.54
N ILE C 219 13.42 -9.37 6.58
CA ILE C 219 14.67 -10.10 6.77
C ILE C 219 14.42 -11.60 6.83
N ASN C 220 13.41 -12.02 7.57
CA ASN C 220 13.13 -13.44 7.70
C ASN C 220 12.65 -14.08 6.39
N ASN C 221 12.14 -13.25 5.48
CA ASN C 221 11.74 -13.72 4.15
C ASN C 221 12.79 -13.55 3.07
N GLY C 222 13.99 -13.10 3.43
CA GLY C 222 15.07 -13.04 2.46
C GLY C 222 15.78 -11.71 2.23
N ALA C 223 15.37 -10.66 2.91
CA ALA C 223 15.95 -9.36 2.66
C ALA C 223 17.32 -9.26 3.35
N SER C 224 18.34 -8.77 2.60
CA SER C 224 19.68 -8.47 3.12
C SER C 224 19.89 -6.98 3.44
N ARG C 225 18.91 -6.16 3.05
CA ARG C 225 18.95 -4.71 3.31
C ARG C 225 17.54 -4.22 3.46
N ILE C 226 17.38 -3.16 4.25
CA ILE C 226 16.07 -2.56 4.54
C ILE C 226 16.19 -1.06 4.26
N GLY C 227 15.32 -0.52 3.42
CA GLY C 227 15.23 0.90 3.18
C GLY C 227 14.15 1.47 4.06
N ALA C 228 14.50 2.49 4.85
CA ALA C 228 13.55 3.07 5.78
C ALA C 228 14.01 4.45 6.18
N SER C 229 13.07 5.25 6.69
CA SER C 229 13.39 6.51 7.37
C SER C 229 13.38 6.35 8.89
N ALA C 230 12.71 5.32 9.39
CA ALA C 230 12.52 5.08 10.85
C ALA C 230 13.59 4.17 11.47
N GLY C 231 14.80 4.12 10.91
CA GLY C 231 15.82 3.20 11.43
C GLY C 231 16.16 3.33 12.91
N ILE C 232 16.15 4.54 13.44
CA ILE C 232 16.44 4.71 14.87
C ILE C 232 15.37 4.02 15.72
N ALA C 233 14.11 4.26 15.39
CA ALA C 233 12.99 3.62 16.10
C ALA C 233 12.98 2.11 15.89
N ILE C 234 13.38 1.67 14.70
CA ILE C 234 13.49 0.24 14.40
C ILE C 234 14.52 -0.41 15.32
N LEU C 235 15.69 0.21 15.47
CA LEU C 235 16.70 -0.28 16.40
C LEU C 235 16.20 -0.27 17.82
N ASN C 236 15.45 0.77 18.19
CA ASN C 236 14.99 0.91 19.55
C ASN C 236 13.88 -0.07 19.86
N GLY C 237 13.26 -0.62 18.82
CA GLY C 237 12.12 -1.51 18.99
C GLY C 237 12.41 -2.99 19.06
N ILE C 238 13.67 -3.39 19.15
CA ILE C 238 14.01 -4.81 19.20
C ILE C 238 13.30 -5.47 20.39
N HIS C 239 12.67 -6.61 20.14
CA HIS C 239 12.03 -7.43 21.19
C HIS C 239 11.87 -8.85 20.71
N GLY D 18 13.58 -47.32 20.23
CA GLY D 18 13.06 -46.00 20.78
C GLY D 18 12.49 -45.21 19.62
N PRO D 19 11.93 -43.97 19.84
CA PRO D 19 11.30 -43.38 18.64
C PRO D 19 12.30 -42.82 17.61
N GLY D 20 13.51 -42.55 18.09
CA GLY D 20 14.57 -41.99 17.27
C GLY D 20 14.32 -40.53 16.92
N SER D 21 14.92 -40.10 15.85
CA SER D 21 14.87 -38.69 15.46
C SER D 21 13.53 -38.37 14.86
N MET D 22 13.15 -37.10 14.93
CA MET D 22 11.95 -36.63 14.23
C MET D 22 12.02 -37.04 12.78
N ASP D 23 10.94 -37.63 12.29
CA ASP D 23 10.86 -38.08 10.91
C ASP D 23 9.61 -37.56 10.24
N LYS D 24 9.49 -37.83 8.95
CA LYS D 24 8.40 -37.25 8.14
C LYS D 24 7.04 -37.63 8.67
N ALA D 25 6.84 -38.92 8.94
CA ALA D 25 5.49 -39.39 9.34
C ALA D 25 5.04 -38.73 10.64
N THR D 26 5.99 -38.56 11.54
CA THR D 26 5.74 -38.01 12.85
C THR D 26 5.54 -36.51 12.73
N LEU D 27 6.43 -35.82 12.04
CA LEU D 27 6.32 -34.35 12.00
C LEU D 27 5.08 -33.91 11.25
N ALA D 28 4.71 -34.66 10.21
CA ALA D 28 3.53 -34.30 9.41
C ALA D 28 2.28 -34.12 10.26
N LYS D 29 2.16 -34.94 11.29
CA LYS D 29 1.00 -34.90 12.18
C LYS D 29 0.95 -33.72 13.13
N TYR D 30 2.04 -32.93 13.17
CA TYR D 30 2.01 -31.62 13.83
C TYR D 30 1.45 -30.52 12.95
N ILE D 31 1.43 -30.69 11.62
CA ILE D 31 1.25 -29.54 10.70
C ILE D 31 -0.22 -29.26 10.33
N ASP D 32 -0.66 -28.04 10.62
CA ASP D 32 -1.92 -27.47 10.06
C ASP D 32 -1.52 -26.61 8.84
N HIS D 33 -1.79 -27.13 7.65
CA HIS D 33 -1.32 -26.56 6.39
C HIS D 33 -2.29 -25.47 6.03
N THR D 34 -1.81 -24.23 6.05
CA THR D 34 -2.67 -23.07 6.21
C THR D 34 -2.67 -22.13 5.02
N LEU D 35 -3.88 -21.68 4.64
CA LEU D 35 -4.01 -20.57 3.67
C LEU D 35 -5.23 -19.73 4.03
N LEU D 36 -4.96 -18.49 4.43
CA LEU D 36 -6.01 -17.61 5.00
C LEU D 36 -6.09 -16.24 4.38
N LYS D 37 -5.28 -15.99 3.35
CA LYS D 37 -5.30 -14.68 2.69
C LYS D 37 -6.71 -14.37 2.15
N ALA D 38 -7.09 -13.11 2.22
CA ALA D 38 -8.41 -12.68 1.84
C ALA D 38 -8.69 -12.97 0.36
N ASP D 39 -7.65 -12.92 -0.45
CA ASP D 39 -7.77 -13.14 -1.89
C ASP D 39 -7.37 -14.54 -2.36
N ALA D 40 -7.37 -15.48 -1.43
CA ALA D 40 -7.12 -16.88 -1.82
C ALA D 40 -8.19 -17.35 -2.82
N THR D 41 -7.74 -18.11 -3.81
CA THR D 41 -8.58 -18.62 -4.89
C THR D 41 -8.95 -20.09 -4.72
N GLU D 42 -10.00 -20.48 -5.46
CA GLU D 42 -10.43 -21.88 -5.49
C GLU D 42 -9.24 -22.77 -5.88
N GLU D 43 -8.46 -22.34 -6.88
CA GLU D 43 -7.33 -23.13 -7.34
C GLU D 43 -6.28 -23.30 -6.25
N GLN D 44 -6.03 -22.23 -5.50
CA GLN D 44 -5.04 -22.32 -4.39
C GLN D 44 -5.53 -23.22 -3.26
N ILE D 45 -6.84 -23.18 -2.98
CA ILE D 45 -7.46 -23.99 -1.94
C ILE D 45 -7.43 -25.47 -2.35
N ARG D 46 -7.75 -25.75 -3.60
CA ARG D 46 -7.61 -27.11 -4.10
C ARG D 46 -6.16 -27.62 -4.01
N LYS D 47 -5.19 -26.77 -4.36
CA LYS D 47 -3.78 -27.18 -4.27
C LYS D 47 -3.36 -27.46 -2.83
N LEU D 48 -3.86 -26.64 -1.90
CA LEU D 48 -3.58 -26.82 -0.47
C LEU D 48 -4.03 -28.21 -0.02
N CYS D 49 -5.23 -28.58 -0.48
CA CYS D 49 -5.81 -29.87 -0.10
C CYS D 49 -5.00 -30.99 -0.72
N SER D 50 -4.65 -30.86 -2.00
CA SER D 50 -3.84 -31.85 -2.68
C SER D 50 -2.50 -32.06 -1.94
N GLU D 51 -1.83 -30.96 -1.61
CA GLU D 51 -0.58 -31.01 -0.85
C GLU D 51 -0.72 -31.73 0.48
N ALA D 52 -1.74 -31.34 1.22
CA ALA D 52 -1.97 -31.92 2.55
C ALA D 52 -2.24 -33.43 2.47
N ALA D 53 -3.01 -33.85 1.49
CA ALA D 53 -3.26 -35.28 1.27
C ALA D 53 -1.99 -36.05 0.91
N GLU D 54 -1.13 -35.46 0.06
CA GLU D 54 0.15 -36.11 -0.31
C GLU D 54 1.11 -36.20 0.88
N TYR D 55 1.22 -35.12 1.63
CA TYR D 55 2.20 -35.04 2.73
C TYR D 55 1.67 -35.59 4.07
N LYS D 56 0.37 -35.90 4.10
CA LYS D 56 -0.30 -36.45 5.27
C LYS D 56 -0.20 -35.50 6.46
N PHE D 57 -0.38 -34.21 6.20
CA PHE D 57 -0.50 -33.21 7.26
C PHE D 57 -1.73 -33.46 8.15
N ALA D 58 -1.66 -33.00 9.38
CA ALA D 58 -2.78 -33.15 10.33
C ALA D 58 -4.07 -32.56 9.77
N SER D 59 -3.97 -31.36 9.22
CA SER D 59 -5.15 -30.59 8.81
C SER D 59 -4.79 -29.63 7.69
N VAL D 60 -5.81 -29.14 7.01
CA VAL D 60 -5.71 -27.84 6.35
C VAL D 60 -6.44 -26.82 7.24
N CYS D 61 -5.96 -25.58 7.20
CA CYS D 61 -6.65 -24.52 7.88
CA CYS D 61 -6.62 -24.48 7.90
C CYS D 61 -6.96 -23.40 6.88
N VAL D 62 -8.26 -23.15 6.71
CA VAL D 62 -8.80 -22.28 5.69
C VAL D 62 -9.92 -21.41 6.30
N ASN D 63 -10.26 -20.31 5.62
CA ASN D 63 -11.35 -19.46 6.08
C ASN D 63 -12.72 -20.20 5.94
N PRO D 64 -13.72 -19.78 6.72
CA PRO D 64 -14.97 -20.57 6.77
C PRO D 64 -15.65 -20.80 5.42
N THR D 65 -15.53 -19.84 4.50
CA THR D 65 -16.15 -20.01 3.18
C THR D 65 -15.72 -21.31 2.47
N TRP D 66 -14.48 -21.75 2.70
CA TRP D 66 -13.90 -22.89 1.96
C TRP D 66 -14.10 -24.25 2.63
N VAL D 67 -14.78 -24.26 3.78
CA VAL D 67 -14.94 -25.49 4.56
C VAL D 67 -15.58 -26.64 3.79
N PRO D 68 -16.73 -26.40 3.15
CA PRO D 68 -17.38 -27.60 2.59
C PRO D 68 -16.62 -28.14 1.35
N LEU D 69 -15.97 -27.26 0.60
CA LEU D 69 -15.13 -27.75 -0.50
C LEU D 69 -14.00 -28.60 0.03
N CYS D 70 -13.29 -28.08 1.04
CA CYS D 70 -12.20 -28.84 1.64
C CYS D 70 -12.65 -30.18 2.25
N ALA D 71 -13.81 -30.18 2.91
CA ALA D 71 -14.32 -31.40 3.53
C ALA D 71 -14.56 -32.47 2.47
N GLU D 72 -15.17 -32.07 1.36
CA GLU D 72 -15.37 -32.98 0.23
C GLU D 72 -14.05 -33.52 -0.33
N LEU D 73 -13.08 -32.64 -0.56
CA LEU D 73 -11.80 -33.04 -1.15
C LEU D 73 -10.96 -33.92 -0.25
N LEU D 74 -11.08 -33.74 1.06
CA LEU D 74 -10.25 -34.46 2.02
C LEU D 74 -10.92 -35.68 2.67
N LYS D 75 -12.18 -35.93 2.36
CA LYS D 75 -12.86 -37.14 2.85
C LYS D 75 -12.04 -38.39 2.48
N GLY D 76 -11.69 -39.19 3.48
CA GLY D 76 -10.90 -40.40 3.27
C GLY D 76 -9.39 -40.28 3.31
N THR D 77 -8.85 -39.06 3.38
CA THR D 77 -7.41 -38.84 3.28
C THR D 77 -6.67 -38.87 4.61
N GLY D 78 -7.44 -38.79 5.69
CA GLY D 78 -6.92 -38.62 7.06
C GLY D 78 -6.60 -37.20 7.47
N VAL D 79 -6.77 -36.27 6.55
CA VAL D 79 -6.44 -34.86 6.82
C VAL D 79 -7.73 -34.17 7.28
N LYS D 80 -7.69 -33.49 8.42
CA LYS D 80 -8.85 -32.81 8.94
C LYS D 80 -9.04 -31.44 8.34
N VAL D 81 -10.28 -30.99 8.34
CA VAL D 81 -10.58 -29.58 8.02
C VAL D 81 -10.65 -28.72 9.27
N CYS D 82 -9.78 -27.71 9.31
CA CYS D 82 -9.71 -26.76 10.38
C CYS D 82 -10.12 -25.41 9.77
N THR D 83 -10.78 -24.56 10.54
CA THR D 83 -11.12 -23.23 10.10
C THR D 83 -10.94 -22.22 11.25
N VAL D 84 -11.17 -20.95 10.96
CA VAL D 84 -10.88 -19.86 11.91
C VAL D 84 -12.19 -19.10 12.17
N ILE D 85 -12.37 -18.64 13.41
CA ILE D 85 -13.64 -18.08 13.88
C ILE D 85 -13.38 -16.67 14.46
N GLY D 86 -14.16 -15.69 14.03
CA GLY D 86 -13.94 -14.34 14.50
C GLY D 86 -12.56 -13.83 14.17
N PHE D 87 -12.09 -14.20 12.99
CA PHE D 87 -10.67 -14.12 12.63
C PHE D 87 -10.39 -13.03 11.61
N PRO D 88 -9.29 -12.26 11.78
CA PRO D 88 -8.24 -12.35 12.78
C PRO D 88 -8.37 -11.38 13.96
N LEU D 89 -9.43 -10.59 14.00
CA LEU D 89 -9.53 -9.51 15.00
C LEU D 89 -10.18 -9.87 16.34
N GLY D 90 -11.03 -10.90 16.34
CA GLY D 90 -11.77 -11.36 17.53
C GLY D 90 -12.78 -10.39 18.11
N ALA D 91 -13.13 -9.35 17.34
CA ALA D 91 -13.83 -8.18 17.87
C ALA D 91 -15.30 -8.14 17.44
N THR D 92 -15.95 -9.29 17.58
CA THR D 92 -17.37 -9.44 17.25
C THR D 92 -18.07 -10.19 18.40
N PRO D 93 -19.38 -10.01 18.57
CA PRO D 93 -20.04 -10.60 19.76
C PRO D 93 -19.96 -12.12 19.84
N SER D 94 -19.97 -12.62 21.06
CA SER D 94 -19.95 -14.09 21.29
C SER D 94 -20.96 -14.88 20.48
N GLU D 95 -22.17 -14.35 20.31
CA GLU D 95 -23.23 -15.07 19.62
CA GLU D 95 -23.25 -15.05 19.62
C GLU D 95 -22.89 -15.21 18.14
N VAL D 96 -22.18 -14.21 17.62
CA VAL D 96 -21.72 -14.24 16.22
C VAL D 96 -20.60 -15.26 16.05
N LYS D 97 -19.62 -15.26 16.93
CA LYS D 97 -18.59 -16.31 16.91
C LYS D 97 -19.20 -17.73 17.00
N ALA D 98 -20.18 -17.89 17.89
CA ALA D 98 -20.91 -19.17 18.05
C ALA D 98 -21.62 -19.56 16.75
N TYR D 99 -22.31 -18.59 16.11
CA TYR D 99 -23.02 -18.86 14.87
C TYR D 99 -22.09 -19.30 13.72
N GLU D 100 -20.99 -18.59 13.54
CA GLU D 100 -19.97 -18.93 12.54
C GLU D 100 -19.42 -20.33 12.80
N THR D 101 -19.22 -20.65 14.08
CA THR D 101 -18.79 -21.99 14.50
C THR D 101 -19.83 -23.06 14.13
N LYS D 102 -21.10 -22.82 14.46
CA LYS D 102 -22.19 -23.76 14.14
C LYS D 102 -22.21 -24.05 12.65
N VAL D 103 -22.11 -23.00 11.85
CA VAL D 103 -22.21 -23.15 10.40
C VAL D 103 -20.96 -23.92 9.88
N ALA D 104 -19.78 -23.56 10.37
CA ALA D 104 -18.56 -24.22 9.95
C ALA D 104 -18.60 -25.71 10.27
N VAL D 105 -19.04 -26.07 11.47
CA VAL D 105 -19.10 -27.52 11.83
C VAL D 105 -20.15 -28.27 10.98
N GLU D 106 -21.32 -27.66 10.80
CA GLU D 106 -22.36 -28.19 9.92
C GLU D 106 -21.77 -28.48 8.54
N GLN D 107 -20.93 -27.59 8.06
CA GLN D 107 -20.40 -27.67 6.68
C GLN D 107 -19.16 -28.56 6.55
N GLY D 108 -18.69 -29.09 7.67
CA GLY D 108 -17.64 -30.09 7.68
C GLY D 108 -16.38 -29.82 8.44
N ALA D 109 -16.31 -28.69 9.16
CA ALA D 109 -15.13 -28.40 9.93
C ALA D 109 -15.02 -29.38 11.10
N GLU D 110 -13.81 -29.92 11.28
CA GLU D 110 -13.50 -30.81 12.39
C GLU D 110 -12.72 -30.15 13.56
N GLU D 111 -12.18 -28.95 13.32
CA GLU D 111 -11.52 -28.13 14.34
C GLU D 111 -11.84 -26.68 14.02
N VAL D 112 -11.96 -25.85 15.05
CA VAL D 112 -12.17 -24.43 14.83
C VAL D 112 -11.16 -23.67 15.70
N ASP D 113 -10.53 -22.62 15.14
CA ASP D 113 -9.54 -21.82 15.84
C ASP D 113 -10.11 -20.41 16.00
N MET D 114 -10.59 -20.06 17.21
CA MET D 114 -11.23 -18.76 17.43
C MET D 114 -10.23 -17.71 17.91
N VAL D 115 -10.50 -16.44 17.64
CA VAL D 115 -9.69 -15.38 18.22
C VAL D 115 -10.42 -14.79 19.44
N ILE D 116 -9.68 -14.56 20.52
CA ILE D 116 -10.26 -13.92 21.67
C ILE D 116 -10.69 -12.46 21.39
N ASN D 117 -11.59 -12.00 22.24
CA ASN D 117 -11.95 -10.58 22.33
C ASN D 117 -10.91 -9.84 23.20
N ILE D 118 -9.96 -9.21 22.55
CA ILE D 118 -8.83 -8.59 23.27
C ILE D 118 -9.30 -7.41 24.12
N GLY D 119 -10.33 -6.70 23.65
CA GLY D 119 -10.93 -5.65 24.44
C GLY D 119 -11.38 -6.12 25.82
N MET D 120 -11.95 -7.34 25.88
CA MET D 120 -12.33 -7.89 27.18
C MET D 120 -11.13 -8.08 28.10
N VAL D 121 -10.03 -8.57 27.51
CA VAL D 121 -8.78 -8.77 28.26
C VAL D 121 -8.25 -7.48 28.84
N LYS D 122 -8.21 -6.43 28.03
CA LYS D 122 -7.73 -5.11 28.48
C LYS D 122 -8.64 -4.44 29.52
N ALA D 123 -9.93 -4.78 29.48
CA ALA D 123 -10.88 -4.37 30.50
C ALA D 123 -10.86 -5.27 31.75
N LYS D 124 -10.03 -6.31 31.73
CA LYS D 124 -9.90 -7.28 32.82
C LYS D 124 -11.20 -8.02 33.08
N LYS D 125 -12.03 -8.13 32.05
CA LYS D 125 -13.31 -8.82 32.12
C LYS D 125 -13.07 -10.29 31.77
N TYR D 126 -12.30 -10.95 32.64
CA TYR D 126 -11.92 -12.32 32.38
C TYR D 126 -13.06 -13.34 32.45
N ASP D 127 -14.07 -13.07 33.28
CA ASP D 127 -15.29 -13.92 33.25
C ASP D 127 -15.97 -13.83 31.87
N ASP D 128 -15.97 -12.64 31.25
CA ASP D 128 -16.50 -12.47 29.92
C ASP D 128 -15.61 -13.16 28.87
N VAL D 129 -14.29 -13.10 29.00
CA VAL D 129 -13.37 -13.85 28.11
C VAL D 129 -13.73 -15.34 28.16
N GLU D 130 -13.91 -15.87 29.37
CA GLU D 130 -14.26 -17.29 29.53
C GLU D 130 -15.62 -17.60 28.87
N LYS D 131 -16.59 -16.73 29.06
CA LYS D 131 -17.90 -16.92 28.44
C LYS D 131 -17.85 -16.88 26.92
N ASP D 132 -16.99 -16.00 26.36
CA ASP D 132 -16.78 -15.88 24.91
C ASP D 132 -16.22 -17.21 24.36
N VAL D 133 -15.19 -17.73 25.00
CA VAL D 133 -14.65 -19.04 24.61
C VAL D 133 -15.69 -20.15 24.76
N LYS D 134 -16.39 -20.16 25.89
CA LYS D 134 -17.39 -21.18 26.16
C LYS D 134 -18.51 -21.17 25.11
N ALA D 135 -18.86 -20.00 24.59
CA ALA D 135 -19.88 -19.92 23.52
C ALA D 135 -19.44 -20.70 22.25
N VAL D 136 -18.16 -20.58 21.92
CA VAL D 136 -17.60 -21.29 20.77
C VAL D 136 -17.46 -22.76 21.09
N VAL D 137 -16.95 -23.07 22.29
CA VAL D 137 -16.86 -24.48 22.73
C VAL D 137 -18.20 -25.18 22.62
N ASP D 138 -19.25 -24.54 23.13
CA ASP D 138 -20.60 -25.09 23.04
C ASP D 138 -21.04 -25.36 21.60
N ALA D 139 -20.83 -24.37 20.72
CA ALA D 139 -21.22 -24.47 19.32
C ALA D 139 -20.40 -25.48 18.54
N SER D 140 -19.17 -25.76 18.99
CA SER D 140 -18.29 -26.64 18.25
C SER D 140 -18.75 -28.09 18.17
N GLY D 141 -19.50 -28.55 19.16
CA GLY D 141 -19.96 -29.93 19.15
C GLY D 141 -18.79 -30.89 19.18
N LYS D 142 -18.79 -31.83 18.26
CA LYS D 142 -17.73 -32.82 18.14
C LYS D 142 -16.42 -32.25 17.58
N ALA D 143 -16.44 -31.05 17.03
CA ALA D 143 -15.22 -30.42 16.53
C ALA D 143 -14.38 -29.95 17.71
N LEU D 144 -13.06 -30.04 17.56
CA LEU D 144 -12.11 -29.55 18.57
C LEU D 144 -12.05 -28.02 18.48
N THR D 145 -11.87 -27.37 19.62
CA THR D 145 -11.71 -25.91 19.69
C THR D 145 -10.28 -25.50 20.07
N LYS D 146 -9.70 -24.59 19.29
CA LYS D 146 -8.44 -23.95 19.61
C LYS D 146 -8.71 -22.47 19.81
N VAL D 147 -8.02 -21.87 20.78
CA VAL D 147 -8.23 -20.45 21.04
C VAL D 147 -6.93 -19.68 20.81
N ILE D 148 -6.99 -18.75 19.86
CA ILE D 148 -5.86 -17.88 19.52
C ILE D 148 -5.87 -16.71 20.48
N ILE D 149 -4.81 -16.60 21.27
CA ILE D 149 -4.73 -15.55 22.28
C ILE D 149 -4.03 -14.29 21.74
N GLU D 150 -3.41 -14.39 20.54
CA GLU D 150 -2.70 -13.29 19.91
C GLU D 150 -1.67 -12.62 20.85
N CYS D 151 -0.67 -13.41 21.18
CA CYS D 151 0.40 -13.05 22.10
C CYS D 151 1.03 -11.67 21.86
N CYS D 152 1.22 -11.28 20.60
CA CYS D 152 1.82 -9.96 20.27
C CYS D 152 1.13 -8.77 20.86
N TYR D 153 -0.15 -8.89 21.21
CA TYR D 153 -0.89 -7.78 21.81
C TYR D 153 -1.12 -7.92 23.31
N LEU D 154 -0.62 -8.98 23.91
CA LEU D 154 -0.83 -9.26 25.32
C LEU D 154 0.41 -9.11 26.17
N THR D 155 0.22 -8.74 27.43
CA THR D 155 1.30 -8.85 28.40
C THR D 155 1.42 -10.32 28.85
N ASN D 156 2.50 -10.65 29.55
CA ASN D 156 2.68 -12.01 29.98
C ASN D 156 1.59 -12.43 30.98
N GLU D 157 1.22 -11.50 31.88
CA GLU D 157 0.11 -11.74 32.83
C GLU D 157 -1.18 -12.08 32.11
N GLU D 158 -1.45 -11.34 31.03
CA GLU D 158 -2.67 -11.54 30.24
C GLU D 158 -2.61 -12.89 29.52
N LYS D 159 -1.44 -13.24 28.96
CA LYS D 159 -1.26 -14.59 28.31
C LYS D 159 -1.62 -15.71 29.27
N VAL D 160 -1.06 -15.64 30.48
CA VAL D 160 -1.33 -16.64 31.51
C VAL D 160 -2.81 -16.74 31.87
N GLU D 161 -3.45 -15.60 32.18
CA GLU D 161 -4.84 -15.62 32.63
C GLU D 161 -5.77 -16.08 31.51
N VAL D 162 -5.52 -15.62 30.29
CA VAL D 162 -6.32 -16.08 29.14
C VAL D 162 -6.23 -17.60 28.99
N CYS D 163 -5.02 -18.16 29.03
CA CYS D 163 -4.87 -19.60 28.95
C CYS D 163 -5.67 -20.35 30.03
N LYS D 164 -5.65 -19.83 31.27
CA LYS D 164 -6.44 -20.45 32.33
C LYS D 164 -7.94 -20.47 32.02
N ARG D 165 -8.43 -19.36 31.51
CA ARG D 165 -9.84 -19.24 31.14
C ARG D 165 -10.22 -20.16 29.97
N CYS D 166 -9.31 -20.37 29.01
CA CYS D 166 -9.54 -21.31 27.93
C CYS D 166 -9.70 -22.73 28.47
N VAL D 167 -8.84 -23.13 29.40
CA VAL D 167 -8.98 -24.45 30.05
C VAL D 167 -10.31 -24.54 30.81
N ALA D 168 -10.64 -23.48 31.56
CA ALA D 168 -11.90 -23.44 32.31
C ALA D 168 -13.14 -23.57 31.41
N ALA D 169 -13.06 -23.02 30.20
CA ALA D 169 -14.17 -23.05 29.22
C ALA D 169 -14.25 -24.37 28.46
N GLY D 170 -13.21 -25.19 28.56
CA GLY D 170 -13.20 -26.51 27.90
C GLY D 170 -12.50 -26.58 26.54
N ALA D 171 -11.72 -25.58 26.15
CA ALA D 171 -11.03 -25.61 24.85
C ALA D 171 -9.91 -26.64 24.92
N GLU D 172 -9.74 -27.41 23.82
CA GLU D 172 -8.68 -28.41 23.77
C GLU D 172 -7.28 -27.78 23.58
N TYR D 173 -7.22 -26.64 22.90
CA TYR D 173 -5.99 -25.98 22.54
C TYR D 173 -6.02 -24.50 22.85
N VAL D 174 -4.84 -24.00 23.19
CA VAL D 174 -4.50 -22.58 23.12
C VAL D 174 -3.44 -22.39 22.01
N LYS D 175 -3.48 -21.23 21.35
CA LYS D 175 -2.75 -20.99 20.12
C LYS D 175 -2.12 -19.62 20.19
N THR D 176 -0.86 -19.53 19.75
CA THR D 176 -0.09 -18.30 19.98
C THR D 176 -0.65 -17.06 19.27
N SER D 177 -1.02 -17.22 17.99
CA SER D 177 -1.10 -16.06 17.07
C SER D 177 -1.98 -16.32 15.88
N THR D 178 -2.45 -15.24 15.24
CA THR D 178 -3.22 -15.33 14.00
C THR D 178 -2.32 -15.40 12.77
N GLY D 179 -1.09 -14.89 12.90
CA GLY D 179 -0.22 -14.69 11.73
C GLY D 179 -0.46 -13.35 11.05
N PHE D 180 -1.50 -12.62 11.48
CA PHE D 180 -1.88 -11.34 10.87
C PHE D 180 -1.51 -10.17 11.76
N GLY D 181 -1.06 -10.43 13.00
CA GLY D 181 -0.69 -9.33 13.93
C GLY D 181 0.74 -8.88 13.70
N THR D 182 1.28 -8.15 14.66
CA THR D 182 2.60 -7.56 14.49
C THR D 182 3.71 -8.62 14.54
N HIS D 183 3.55 -9.63 15.38
CA HIS D 183 4.44 -10.79 15.30
C HIS D 183 3.73 -12.09 15.68
N GLY D 184 4.39 -13.20 15.38
CA GLY D 184 3.77 -14.53 15.60
C GLY D 184 4.36 -15.33 16.74
N ALA D 185 4.57 -16.63 16.50
CA ALA D 185 5.03 -17.55 17.57
C ALA D 185 6.45 -17.22 18.02
N THR D 186 6.62 -17.20 19.35
CA THR D 186 7.95 -17.21 19.95
C THR D 186 8.05 -18.44 20.85
N PRO D 187 9.25 -19.04 20.93
CA PRO D 187 9.45 -20.19 21.81
C PRO D 187 9.14 -19.88 23.27
N GLU D 188 9.44 -18.65 23.69
CA GLU D 188 9.20 -18.20 25.06
C GLU D 188 7.69 -18.19 25.37
N ASP D 189 6.90 -17.71 24.40
CA ASP D 189 5.44 -17.72 24.54
C ASP D 189 4.88 -19.15 24.59
N VAL D 190 5.35 -20.00 23.70
CA VAL D 190 4.95 -21.43 23.70
C VAL D 190 5.21 -22.04 25.07
N LYS D 191 6.40 -21.83 25.60
CA LYS D 191 6.78 -22.37 26.88
C LYS D 191 5.89 -21.80 28.00
N LEU D 192 5.68 -20.49 28.00
CA LEU D 192 4.81 -19.89 29.03
C LEU D 192 3.39 -20.49 28.96
N MET D 193 2.88 -20.65 27.75
CA MET D 193 1.55 -21.19 27.57
C MET D 193 1.45 -22.64 28.02
N LYS D 194 2.43 -23.45 27.63
CA LYS D 194 2.42 -24.85 28.03
C LYS D 194 2.64 -25.04 29.53
N ASP D 195 3.51 -24.24 30.11
CA ASP D 195 3.67 -24.26 31.57
C ASP D 195 2.36 -23.92 32.30
N THR D 196 1.56 -23.03 31.72
CA THR D 196 0.29 -22.62 32.32
C THR D 196 -0.78 -23.72 32.23
N VAL D 197 -0.92 -24.35 31.06
CA VAL D 197 -2.01 -25.31 30.85
C VAL D 197 -1.61 -26.73 31.26
N GLY D 198 -0.33 -27.00 31.34
CA GLY D 198 0.19 -28.34 31.57
C GLY D 198 -0.39 -29.35 30.60
N ASP D 199 -0.89 -30.46 31.13
CA ASP D 199 -1.52 -31.50 30.29
CA ASP D 199 -1.51 -31.50 30.31
C ASP D 199 -3.02 -31.31 30.16
N LYS D 200 -3.55 -30.19 30.71
CA LYS D 200 -4.99 -29.91 30.63
C LYS D 200 -5.42 -29.38 29.26
N ALA D 201 -4.47 -28.88 28.47
CA ALA D 201 -4.75 -28.42 27.11
C ALA D 201 -3.46 -28.58 26.33
N LEU D 202 -3.57 -28.51 25.01
CA LEU D 202 -2.42 -28.55 24.13
C LEU D 202 -2.14 -27.15 23.56
N VAL D 203 -0.91 -26.97 23.05
CA VAL D 203 -0.48 -25.70 22.52
C VAL D 203 -0.21 -25.77 21.01
N LYS D 204 -0.73 -24.80 20.28
CA LYS D 204 -0.44 -24.66 18.87
C LYS D 204 0.37 -23.40 18.68
N ALA D 205 1.53 -23.57 18.05
CA ALA D 205 2.39 -22.41 17.66
C ALA D 205 2.10 -22.08 16.21
N ALA D 206 1.89 -20.81 15.92
CA ALA D 206 1.55 -20.34 14.57
C ALA D 206 2.09 -18.94 14.32
N GLY D 207 2.43 -18.67 13.07
CA GLY D 207 2.87 -17.37 12.65
C GLY D 207 4.38 -17.30 12.57
N GLY D 208 4.91 -17.18 11.35
CA GLY D 208 6.33 -16.98 11.13
C GLY D 208 7.18 -18.22 11.25
N ILE D 209 6.53 -19.39 11.22
CA ILE D 209 7.25 -20.66 11.33
C ILE D 209 7.53 -21.15 9.90
N ARG D 210 8.81 -21.05 9.49
CA ARG D 210 9.20 -21.19 8.07
C ARG D 210 10.08 -22.41 7.75
N THR D 211 10.74 -22.96 8.76
CA THR D 211 11.74 -23.99 8.60
C THR D 211 11.60 -25.15 9.59
N PHE D 212 12.22 -26.29 9.25
CA PHE D 212 12.32 -27.41 10.17
C PHE D 212 12.87 -26.99 11.54
N ASP D 213 13.95 -26.21 11.58
CA ASP D 213 14.54 -25.83 12.87
C ASP D 213 13.55 -24.97 13.69
N ASP D 214 12.83 -24.08 13.01
CA ASP D 214 11.82 -23.19 13.65
C ASP D 214 10.75 -24.10 14.29
N ALA D 215 10.24 -25.05 13.52
CA ALA D 215 9.19 -25.96 14.00
C ALA D 215 9.69 -26.74 15.23
N MET D 216 10.90 -27.27 15.13
CA MET D 216 11.46 -28.03 16.26
C MET D 216 11.61 -27.19 17.53
N LYS D 217 12.02 -25.92 17.41
CA LYS D 217 12.16 -25.06 18.57
C LYS D 217 10.80 -24.92 19.26
N MET D 218 9.76 -24.79 18.46
CA MET D 218 8.40 -24.69 19.04
C MET D 218 7.96 -26.01 19.70
N ILE D 219 8.17 -27.12 19.02
CA ILE D 219 7.85 -28.43 19.56
C ILE D 219 8.62 -28.72 20.85
N ASN D 220 9.91 -28.37 20.87
CA ASN D 220 10.73 -28.54 22.07
C ASN D 220 10.32 -27.67 23.26
N ASN D 221 9.57 -26.60 23.00
CA ASN D 221 8.99 -25.76 24.06
C ASN D 221 7.54 -26.08 24.44
N GLY D 222 6.98 -27.13 23.85
CA GLY D 222 5.67 -27.62 24.27
C GLY D 222 4.58 -27.60 23.23
N ALA D 223 4.87 -27.24 21.98
CA ALA D 223 3.81 -27.22 20.93
C ALA D 223 3.44 -28.62 20.47
N SER D 224 2.14 -28.90 20.40
CA SER D 224 1.64 -30.15 19.89
C SER D 224 1.14 -29.99 18.44
N ARG D 225 1.04 -28.75 17.96
CA ARG D 225 0.60 -28.47 16.61
C ARG D 225 1.32 -27.22 16.14
N ILE D 226 1.52 -27.14 14.83
CA ILE D 226 2.26 -26.04 14.17
C ILE D 226 1.39 -25.51 13.07
N GLY D 227 1.05 -24.22 13.11
CA GLY D 227 0.31 -23.57 12.03
C GLY D 227 1.32 -22.92 11.10
N ALA D 228 1.24 -23.22 9.80
CA ALA D 228 2.21 -22.68 8.85
C ALA D 228 1.63 -22.73 7.45
N SER D 229 2.07 -21.81 6.61
CA SER D 229 1.90 -21.93 5.15
C SER D 229 3.05 -22.73 4.51
N ALA D 230 4.21 -22.79 5.20
CA ALA D 230 5.43 -23.42 4.70
C ALA D 230 5.57 -24.89 5.14
N GLY D 231 4.47 -25.60 5.33
CA GLY D 231 4.54 -26.99 5.79
C GLY D 231 5.42 -27.89 4.95
N ILE D 232 5.37 -27.70 3.63
CA ILE D 232 6.17 -28.49 2.69
C ILE D 232 7.66 -28.27 2.97
N ALA D 233 8.07 -27.02 3.05
CA ALA D 233 9.47 -26.68 3.36
C ALA D 233 9.93 -27.22 4.70
N ILE D 234 9.04 -27.13 5.70
CA ILE D 234 9.32 -27.64 7.03
C ILE D 234 9.55 -29.17 7.01
N LEU D 235 8.59 -29.88 6.43
CA LEU D 235 8.70 -31.34 6.38
C LEU D 235 9.93 -31.79 5.58
N ASN D 236 10.21 -31.09 4.49
CA ASN D 236 11.34 -31.43 3.62
C ASN D 236 12.72 -30.96 4.12
N GLY D 237 12.73 -30.15 5.19
CA GLY D 237 13.99 -29.75 5.86
C GLY D 237 14.46 -30.66 6.97
N ILE D 238 13.70 -31.74 7.29
CA ILE D 238 14.13 -32.68 8.32
C ILE D 238 15.54 -33.22 8.05
N HIS D 239 16.36 -33.22 9.10
CA HIS D 239 17.68 -33.83 9.05
C HIS D 239 17.98 -34.47 10.39
#